data_1C0R
# 
_entry.id   1C0R 
# 
_audit_conform.dict_name       mmcif_pdbx.dic 
_audit_conform.dict_version    5.381 
_audit_conform.dict_location   http://mmcif.pdb.org/dictionaries/ascii/mmcif_pdbx.dic 
# 
loop_
_database_2.database_id 
_database_2.database_code 
_database_2.pdbx_database_accession 
_database_2.pdbx_DOI 
PDB   1C0R         pdb_00001c0r 10.2210/pdb1c0r/pdb 
RCSB  RCSB001237   ?            ?                   
WWPDB D_1000001237 ?            ?                   
# 
loop_
_pdbx_database_related.db_name 
_pdbx_database_related.db_id 
_pdbx_database_related.content_type 
_pdbx_database_related.details 
PDB 1AA5 unspecified 'CRYSTAL STRUCTURE OF VANCOMYCIN'                                                                            
PDB 1C0Q unspecified 'CRYSTAL STRUCTURE OF VANCOMYCIN COMPLEXED WITH 2-ACETOXY-D-PROPANOIC ACID'                                  
PDB 1FVM unspecified 'CRYSTAL STRUCTURE OF VANCOMYCIN COMPLEXED WITH DI-ACETYL-LYS-D-ALA-D-ALA'                                   
PDB 1GAC unspecified 'SOLUTION STRUCTURE OF A82846B COMPLEXED WITH ITS CELL WALL PENTAPEPTIDE FRAGMENT'                           
PDB 1GHG unspecified 'CRYSTAL STRUCTURE OF VANCOMYCIN AGLYCON'                                                                    
PDB 1PN3 unspecified 'CRYSTAL STRUCTURE OF TDP-EPI-VANCOSAMINYLTRANSFERASE GTFA COMPLEXD WITH TDP AND DESVANCOSAMINYL VANCOMYCIN' 
PDB 1PNV unspecified 'CRYSTAL STRUCTURE OF TDP-EPI-VANCOSAMINYLTRANSFERASE GTFA COMPLEXED WITH TDP AND VANCOMYCIN'                
PDB 1QD8 unspecified 'CRYSTAL STRUCTURE OF VANCOMYCIN COMPLEXED WITH N-ACETYL GLYCIN'                                             
PDB 1RRV unspecified 'CRYSTAL STRUCTURE OF TDP-VANCOSAMINYLTRANSFERASE GTFD COMPLEXED WITH TDP AND DESVANCOSAMINYL VANCOMYCIN.'   
PDB 1SHO unspecified 'CRYSTAL STRUCTURE OF VANCOMYCIN'                                                                            
# 
_pdbx_database_status.entry_id                        1C0R 
_pdbx_database_status.status_code                     REL 
_pdbx_database_status.deposit_site                    RCSB 
_pdbx_database_status.process_site                    RCSB 
_pdbx_database_status.recvd_initial_deposition_date   1999-07-20 
_pdbx_database_status.SG_entry                        . 
_pdbx_database_status.pdb_format_compatible           Y 
_pdbx_database_status.status_code_mr                  ? 
_pdbx_database_status.status_code_sf                  ? 
_pdbx_database_status.status_code_cs                  ? 
_pdbx_database_status.status_code_nmr_data            ? 
_pdbx_database_status.methods_development_category    ? 
# 
loop_
_audit_author.name 
_audit_author.pdbx_ordinal 
'Loll, P.J.'    1 
'Kaplan, J.'    2 
'Selinsky, B.'  3 
'Axelsen, P.H.' 4 
# 
_citation.id                        primary 
_citation.title                     
'Vancomycin Binding to Low-Affinity Ligands: Delineating a Minimum Set of Interactions Necessary for High-Affinity Binding.' 
_citation.journal_abbrev            J.Med.Chem. 
_citation.journal_volume            42 
_citation.page_first                4714 
_citation.page_last                 ? 
_citation.year                      1999 
_citation.journal_id_ASTM           JMCMAR 
_citation.country                   US 
_citation.journal_id_ISSN           0022-2623 
_citation.journal_id_CSD            0151 
_citation.book_publisher            ? 
_citation.pdbx_database_id_PubMed   10579833 
_citation.pdbx_database_id_DOI      10.1021/JM990361T 
# 
loop_
_citation_author.citation_id 
_citation_author.name 
_citation_author.ordinal 
_citation_author.identifier_ORCID 
primary 'Loll, P.J.'     1 ? 
primary 'Kaplan, J.'     2 ? 
primary 'Selinsky, B.S.' 3 ? 
primary 'Axelsen, P.H.'  4 ? 
# 
_cell.entry_id           1C0R 
_cell.length_a           28.440 
_cell.length_b           28.440 
_cell.length_c           66.040 
_cell.angle_alpha        90.00 
_cell.angle_beta         90.00 
_cell.angle_gamma        90.00 
_cell.Z_PDB              16 
_cell.pdbx_unique_axis   ? 
# 
_symmetry.entry_id                         1C0R 
_symmetry.space_group_name_H-M             'P 43 21 2' 
_symmetry.pdbx_full_space_group_name_H-M   ? 
_symmetry.cell_setting                     ? 
_symmetry.Int_Tables_number                96 
# 
loop_
_entity.id 
_entity.type 
_entity.src_method 
_entity.pdbx_description 
_entity.formula_weight 
_entity.pdbx_number_of_molecules 
_entity.pdbx_ec 
_entity.pdbx_mutation 
_entity.pdbx_fragment 
_entity.details 
1 polymer     man VANCOMYCIN                               1149.977 2  ? ? ? ? 
2 branched    man 'vancosamine-(1-2)-beta-D-glucopyranose' 323.340  2  ? ? ? ? 
3 non-polymer syn 'CHLORIDE ION'                           35.453   3  ? ? ? ? 
4 non-polymer syn 'LACTIC ACID'                            90.078   1  ? ? ? ? 
5 water       nat water                                    18.015   45 ? ? ? ? 
# 
_entity_poly.entity_id                      1 
_entity_poly.type                           'polypeptide(L)' 
_entity_poly.nstd_linkage                   no 
_entity_poly.nstd_monomer                   yes 
_entity_poly.pdbx_seq_one_letter_code       '(MLU)(OMZ)N(GHP)(GHP)(OMY)(3FG)' 
_entity_poly.pdbx_seq_one_letter_code_can   XXNGGYX 
_entity_poly.pdbx_strand_id                 A,B 
_entity_poly.pdbx_target_identifier         ? 
# 
loop_
_entity_poly_seq.entity_id 
_entity_poly_seq.num 
_entity_poly_seq.mon_id 
_entity_poly_seq.hetero 
1 1 MLU n 
1 2 OMZ n 
1 3 ASN n 
1 4 GHP n 
1 5 GHP n 
1 6 OMY n 
1 7 3FG n 
# 
_entity_src_gen.entity_id                          1 
_entity_src_gen.pdbx_src_id                        1 
_entity_src_gen.pdbx_alt_source_flag               sample 
_entity_src_gen.pdbx_seq_type                      ? 
_entity_src_gen.pdbx_beg_seq_num                   ? 
_entity_src_gen.pdbx_end_seq_num                   ? 
_entity_src_gen.gene_src_common_name               ? 
_entity_src_gen.gene_src_genus                     ? 
_entity_src_gen.pdbx_gene_src_gene                 ? 
_entity_src_gen.gene_src_species                   ? 
_entity_src_gen.gene_src_strain                    ? 
_entity_src_gen.gene_src_tissue                    ? 
_entity_src_gen.gene_src_tissue_fraction           ? 
_entity_src_gen.gene_src_details                   ? 
_entity_src_gen.pdbx_gene_src_fragment             ? 
_entity_src_gen.pdbx_gene_src_scientific_name      'AMYCOLATOPSIS ORIENTALIS' 
_entity_src_gen.pdbx_gene_src_ncbi_taxonomy_id     31958 
_entity_src_gen.pdbx_gene_src_variant              ? 
_entity_src_gen.pdbx_gene_src_cell_line            ? 
_entity_src_gen.pdbx_gene_src_atcc                 ? 
_entity_src_gen.pdbx_gene_src_organ                ? 
_entity_src_gen.pdbx_gene_src_organelle            ? 
_entity_src_gen.pdbx_gene_src_cell                 ? 
_entity_src_gen.pdbx_gene_src_cellular_location    ? 
_entity_src_gen.host_org_common_name               ? 
_entity_src_gen.pdbx_host_org_scientific_name      ? 
_entity_src_gen.pdbx_host_org_ncbi_taxonomy_id     ? 
_entity_src_gen.host_org_genus                     ? 
_entity_src_gen.pdbx_host_org_gene                 ? 
_entity_src_gen.pdbx_host_org_organ                ? 
_entity_src_gen.host_org_species                   ? 
_entity_src_gen.pdbx_host_org_tissue               ? 
_entity_src_gen.pdbx_host_org_tissue_fraction      ? 
_entity_src_gen.pdbx_host_org_strain               ? 
_entity_src_gen.pdbx_host_org_variant              ? 
_entity_src_gen.pdbx_host_org_cell_line            ? 
_entity_src_gen.pdbx_host_org_atcc                 ? 
_entity_src_gen.pdbx_host_org_culture_collection   ? 
_entity_src_gen.pdbx_host_org_cell                 ? 
_entity_src_gen.pdbx_host_org_organelle            ? 
_entity_src_gen.pdbx_host_org_cellular_location    ? 
_entity_src_gen.pdbx_host_org_vector_type          ? 
_entity_src_gen.pdbx_host_org_vector               ? 
_entity_src_gen.host_org_details                   ? 
_entity_src_gen.expression_system_id               ? 
_entity_src_gen.plasmid_name                       ? 
_entity_src_gen.plasmid_details                    ? 
_entity_src_gen.pdbx_description                   ? 
# 
_struct_ref.id                         1 
_struct_ref.db_name                    NOR 
_struct_ref.db_code                    NOR00681 
_struct_ref.entity_id                  1 
_struct_ref.pdbx_seq_one_letter_code   ? 
_struct_ref.pdbx_align_begin           ? 
_struct_ref.pdbx_db_accession          NOR00681 
_struct_ref.pdbx_db_isoform            ? 
# 
loop_
_struct_ref_seq.align_id 
_struct_ref_seq.ref_id 
_struct_ref_seq.pdbx_PDB_id_code 
_struct_ref_seq.pdbx_strand_id 
_struct_ref_seq.seq_align_beg 
_struct_ref_seq.pdbx_seq_align_beg_ins_code 
_struct_ref_seq.seq_align_end 
_struct_ref_seq.pdbx_seq_align_end_ins_code 
_struct_ref_seq.pdbx_db_accession 
_struct_ref_seq.db_align_beg 
_struct_ref_seq.pdbx_db_align_beg_ins_code 
_struct_ref_seq.db_align_end 
_struct_ref_seq.pdbx_db_align_end_ins_code 
_struct_ref_seq.pdbx_auth_seq_align_beg 
_struct_ref_seq.pdbx_auth_seq_align_end 
1 1 1C0R A 1 ? 7 ? NOR00681 1 ? 7 ? 1 7 
2 1 1C0R B 1 ? 7 ? NOR00681 1 ? 7 ? 1 7 
# 
loop_
_chem_comp.id 
_chem_comp.type 
_chem_comp.mon_nstd_flag 
_chem_comp.name 
_chem_comp.pdbx_synonyms 
_chem_comp.formula 
_chem_comp.formula_weight 
3FG 'L-peptide linking'           . '(2S)-amino(3,5-dihydroxyphenyl)ethanoic acid' ? 'C8 H9 N O4'     183.161 
ASN 'L-peptide linking'           y ASPARAGINE                                     ? 'C4 H8 N2 O3'    132.118 
BGC 'D-saccharide, beta linking'  . beta-D-glucopyranose                           'beta-D-glucose; D-glucose; glucose' 
'C6 H12 O6'      180.156 
CL  non-polymer                   . 'CHLORIDE ION'                                 ? 'Cl -1'          35.453  
GHP 'D-peptide linking'           . '(2R)-amino(4-hydroxyphenyl)ethanoic acid'     ? 'C8 H9 N O3'     167.162 
HOH non-polymer                   . WATER                                          ? 'H2 O'           18.015  
LAC non-polymer                   . 'LACTIC ACID'                                  ? 'C3 H6 O3'       90.078  
MLU 'D-peptide linking'           . N-methyl-D-leucine                             ? 'C7 H15 N O2'    145.199 
OMY 'L-peptide linking'           n '(betaR)-3-chloro-beta-hydroxy-L-tyrosine'     ? 'C9 H10 Cl N O4' 231.633 
OMZ 'D-peptide linking'           . '(betaR)-3-CHLORO-BETA-HYDROXY-D-TYROSINE'     ? 'C9 H10 Cl N O4' 231.633 
RER 'L-saccharide, alpha linking' . vancosamine                                    
'(1R,3S,4S,5S)-3-amino-2,3,6-trideoxy-3-methyl-alpha-L-arabino-hexopyranose' 'C7 H15 N O3'    161.199 
# 
_exptl.entry_id          1C0R 
_exptl.method            'X-RAY DIFFRACTION' 
_exptl.crystals_number   1 
# 
_exptl_crystal.id                    1 
_exptl_crystal.density_meas          ? 
_exptl_crystal.density_Matthews      2.90 
_exptl_crystal.density_percent_sol   57.63 
_exptl_crystal.description           ? 
# 
_exptl_crystal_grow.crystal_id      1 
_exptl_crystal_grow.method          ? 
_exptl_crystal_grow.temp            ? 
_exptl_crystal_grow.temp_details    ? 
_exptl_crystal_grow.pH              4.6 
_exptl_crystal_grow.pdbx_pH_range   ? 
_exptl_crystal_grow.pdbx_details    'SODIUM CHLORIDE, LACTIC ACID, PH 4.6, VAPOR DIFFUSION/HANGING DROP, TEMPERATURE 291K' 
# 
_diffrn.id                     1 
_diffrn.ambient_temp           100 
_diffrn.ambient_temp_details   ? 
_diffrn.crystal_id             1 
# 
_diffrn_detector.diffrn_id              1 
_diffrn_detector.detector               CCD 
_diffrn_detector.type                   CUSTOM-MADE 
_diffrn_detector.pdbx_collection_date   1996-09-20 
_diffrn_detector.details                ? 
# 
_diffrn_radiation.diffrn_id                        1 
_diffrn_radiation.wavelength_id                    1 
_diffrn_radiation.pdbx_monochromatic_or_laue_m_l   M 
_diffrn_radiation.monochromator                    ? 
_diffrn_radiation.pdbx_diffrn_protocol             'SINGLE WAVELENGTH' 
_diffrn_radiation.pdbx_scattering_type             x-ray 
# 
_diffrn_radiation_wavelength.id           1 
_diffrn_radiation_wavelength.wavelength   0.918 
_diffrn_radiation_wavelength.wt           1.0 
# 
_diffrn_source.diffrn_id                   1 
_diffrn_source.source                      SYNCHROTRON 
_diffrn_source.type                        'CHESS BEAMLINE A1' 
_diffrn_source.pdbx_synchrotron_site       CHESS 
_diffrn_source.pdbx_synchrotron_beamline   A1 
_diffrn_source.pdbx_wavelength             0.918 
_diffrn_source.pdbx_wavelength_list        ? 
# 
_reflns.pdbx_diffrn_id               1 
_reflns.pdbx_ordinal                 1 
_reflns.entry_id                     1C0R 
_reflns.observed_criterion_sigma_I   2.000 
_reflns.observed_criterion_sigma_F   ? 
_reflns.d_resolution_low             20.000 
_reflns.d_resolution_high            1.000 
_reflns.number_obs                   13896 
_reflns.number_all                   ? 
_reflns.percent_possible_obs         97.0 
_reflns.pdbx_Rmerge_I_obs            0.05200 
_reflns.pdbx_Rsym_value              ? 
_reflns.pdbx_netI_over_sigmaI        29.8000 
_reflns.B_iso_Wilson_estimate        ? 
_reflns.pdbx_redundancy              16.400 
# 
_reflns_shell.pdbx_diffrn_id         1 
_reflns_shell.pdbx_ordinal           1 
_reflns_shell.d_res_high             1.00 
_reflns_shell.d_res_low              1.04 
_reflns_shell.percent_possible_all   54.0 
_reflns_shell.Rmerge_I_obs           0.06500 
_reflns_shell.pdbx_Rsym_value        ? 
_reflns_shell.meanI_over_sigI_obs    ? 
_reflns_shell.pdbx_redundancy        1.90 
# 
_refine.pdbx_refine_id                           'X-RAY DIFFRACTION' 
_refine.entry_id                                 1C0R 
_refine.pdbx_diffrn_id                           1 
_refine.pdbx_TLS_residual_ADP_flag               ? 
_refine.ls_number_reflns_obs                     ? 
_refine.ls_number_reflns_all                     14301 
_refine.pdbx_ls_sigma_I                          ? 
_refine.pdbx_ls_sigma_F                          0.000 
_refine.pdbx_data_cutoff_high_absF               ? 
_refine.pdbx_data_cutoff_low_absF                ? 
_refine.pdbx_data_cutoff_high_rms_absF           ? 
_refine.ls_d_res_low                             20.00 
_refine.ls_d_res_high                            1.00 
_refine.ls_percent_reflns_obs                    97.0 
_refine.ls_R_factor_obs                          0.114 
_refine.ls_R_factor_all                          ? 
_refine.ls_R_factor_R_work                       ? 
_refine.ls_R_factor_R_free                       0.142 
_refine.ls_R_factor_R_free_error                 ? 
_refine.ls_R_factor_R_free_error_details         ? 
_refine.ls_percent_reflns_R_free                 ? 
_refine.ls_number_reflns_R_free                  934 
_refine.ls_number_parameters                     ? 
_refine.ls_number_restraints                     ? 
_refine.occupancy_min                            ? 
_refine.occupancy_max                            ? 
_refine.correlation_coeff_Fo_to_Fc               ? 
_refine.correlation_coeff_Fo_to_Fc_free          ? 
_refine.B_iso_mean                               ? 
_refine.aniso_B[1][1]                            ? 
_refine.aniso_B[2][2]                            ? 
_refine.aniso_B[3][3]                            ? 
_refine.aniso_B[1][2]                            ? 
_refine.aniso_B[1][3]                            ? 
_refine.aniso_B[2][3]                            ? 
_refine.solvent_model_details                    ? 
_refine.solvent_model_param_ksol                 ? 
_refine.solvent_model_param_bsol                 ? 
_refine.pdbx_solvent_vdw_probe_radii             ? 
_refine.pdbx_solvent_ion_probe_radii             ? 
_refine.pdbx_solvent_shrinkage_radii             ? 
_refine.pdbx_ls_cross_valid_method               THROUGHOUT 
_refine.details                                  
;REFINEMENT WAS CARRIED OUT AGAINST F -SQUARED USING SHELXL-93. MOLECULAR GEOMETRY AND ATOMIC DISPLACEMENT PARAMETERS WERE RESTRAINED THROUGHOUT. INDEPENDENT VANCOMYCIN MONOMERS WERE RESTRAINED TO HAVE SIMILAR 1-2 AND 1-3 DISTANCES; RESTRAINTS WERE ALSO IMPOSED TO LIMIT DEVIATIONS FROM PLANARITY IN RINGS AND SP2 SYSTEMS. ALONG-BOND COMPONENTS OF ANISOTROPIC DISPLACEMENT PARAMETERS WERE SUBJECTED TO RESTRAINTS. SOLVENT WATER ATOMS WERE RESTRAINED TO BE APPROXIMATELY ISOTROPIC AND WERE MADE SUBJECT TO ANTI-BUMPING RESTRAINTS. CONJUGATE GRADIENT REFINEMENT WAS USED THROUGHOUT, EXCEPT AT THE LAST STAGES, WHEN BLOCKED LEAST SQUARES WAS USED.
;
_refine.pdbx_starting_model                      ? 
_refine.pdbx_method_to_determine_struct          ? 
_refine.pdbx_isotropic_thermal_model             ? 
_refine.pdbx_stereochemistry_target_values       'ENGH & HUBER' 
_refine.pdbx_stereochem_target_val_spec_case     ? 
_refine.pdbx_R_Free_selection_details            RANDOM 
_refine.pdbx_overall_ESU_R                       ? 
_refine.pdbx_overall_ESU_R_Free                  ? 
_refine.overall_SU_ML                            ? 
_refine.pdbx_overall_phase_error                 ? 
_refine.overall_SU_B                             ? 
_refine.overall_SU_R_Cruickshank_DPI             ? 
_refine.pdbx_overall_SU_R_free_Cruickshank_DPI   ? 
_refine.pdbx_overall_SU_R_Blow_DPI               ? 
_refine.pdbx_overall_SU_R_free_Blow_DPI          ? 
# 
_refine_hist.pdbx_refine_id                   'X-RAY DIFFRACTION' 
_refine_hist.cycle_id                         LAST 
_refine_hist.pdbx_number_atoms_protein        160 
_refine_hist.pdbx_number_atoms_nucleic_acid   0 
_refine_hist.pdbx_number_atoms_ligand         51 
_refine_hist.number_atoms_solvent             45 
_refine_hist.number_atoms_total               256 
_refine_hist.d_res_high                       1.00 
_refine_hist.d_res_low                        20.00 
# 
loop_
_refine_ls_restr.type 
_refine_ls_restr.dev_ideal 
_refine_ls_restr.dev_ideal_target 
_refine_ls_restr.weight 
_refine_ls_restr.number 
_refine_ls_restr.pdbx_refine_id 
_refine_ls_restr.pdbx_restraint_function 
s_bond_d               0.019 ? ? ? 'X-RAY DIFFRACTION' ? 
s_angle_d              ?     ? ? ? 'X-RAY DIFFRACTION' ? 
s_similar_dist         ?     ? ? ? 'X-RAY DIFFRACTION' ? 
s_from_restr_planes    ?     ? ? ? 'X-RAY DIFFRACTION' ? 
s_zero_chiral_vol      ?     ? ? ? 'X-RAY DIFFRACTION' ? 
s_non_zero_chiral_vol  ?     ? ? ? 'X-RAY DIFFRACTION' ? 
s_anti_bump_dis_restr  ?     ? ? ? 'X-RAY DIFFRACTION' ? 
s_rigid_bond_adp_cmpnt ?     ? ? ? 'X-RAY DIFFRACTION' ? 
s_similar_adp_cmpnt    ?     ? ? ? 'X-RAY DIFFRACTION' ? 
s_approx_iso_adps      ?     ? ? ? 'X-RAY DIFFRACTION' ? 
# 
_pdbx_refine.pdbx_refine_id                              'X-RAY DIFFRACTION' 
_pdbx_refine.entry_id                                    1C0R 
_pdbx_refine.R_factor_all_no_cutoff                      ? 
_pdbx_refine.R_factor_obs_no_cutoff                      0.114 
_pdbx_refine.free_R_factor_no_cutoff                     0.142 
_pdbx_refine.free_R_error_no_cutoff                      ? 
_pdbx_refine.free_R_val_test_set_size_perc_no_cutoff     ? 
_pdbx_refine.free_R_val_test_set_ct_no_cutoff            934 
_pdbx_refine.R_factor_all_4sig_cutoff                    ? 
_pdbx_refine.R_factor_obs_4sig_cutoff                    ? 
_pdbx_refine.free_R_factor_4sig_cutoff                   ? 
_pdbx_refine.free_R_val_test_set_size_perc_4sig_cutoff   ? 
_pdbx_refine.free_R_val_test_set_ct_4sig_cutoff          ? 
_pdbx_refine.number_reflns_obs_4sig_cutoff               ? 
# 
_struct.entry_id                  1C0R 
_struct.title                     'COMPLEX OF VANCOMYCIN WITH D-LACTIC ACID' 
_struct.pdbx_model_details        ? 
_struct.pdbx_CASP_flag            ? 
_struct.pdbx_model_type_details   ? 
# 
_struct_keywords.entry_id        1C0R 
_struct_keywords.pdbx_keywords   ANTIBIOTIC 
_struct_keywords.text            'ANTIBIOTIC, GLYCOPEPTIDE ANTIBIOTIC' 
# 
loop_
_struct_asym.id 
_struct_asym.pdbx_blank_PDB_chainid_flag 
_struct_asym.pdbx_modified 
_struct_asym.entity_id 
_struct_asym.details 
A N N 1 ? 
B N N 1 ? 
C N N 2 ? 
D N N 2 ? 
E N N 3 ? 
F N N 3 ? 
G N N 3 ? 
H N N 4 ? 
I N N 5 ? 
J N N 5 ? 
# 
_struct_biol.id   1 
# 
loop_
_struct_conn.id 
_struct_conn.conn_type_id 
_struct_conn.pdbx_leaving_atom_flag 
_struct_conn.pdbx_PDB_id 
_struct_conn.ptnr1_label_asym_id 
_struct_conn.ptnr1_label_comp_id 
_struct_conn.ptnr1_label_seq_id 
_struct_conn.ptnr1_label_atom_id 
_struct_conn.pdbx_ptnr1_label_alt_id 
_struct_conn.pdbx_ptnr1_PDB_ins_code 
_struct_conn.pdbx_ptnr1_standard_comp_id 
_struct_conn.ptnr1_symmetry 
_struct_conn.ptnr2_label_asym_id 
_struct_conn.ptnr2_label_comp_id 
_struct_conn.ptnr2_label_seq_id 
_struct_conn.ptnr2_label_atom_id 
_struct_conn.pdbx_ptnr2_label_alt_id 
_struct_conn.pdbx_ptnr2_PDB_ins_code 
_struct_conn.ptnr1_auth_asym_id 
_struct_conn.ptnr1_auth_comp_id 
_struct_conn.ptnr1_auth_seq_id 
_struct_conn.ptnr2_auth_asym_id 
_struct_conn.ptnr2_auth_comp_id 
_struct_conn.ptnr2_auth_seq_id 
_struct_conn.ptnr2_symmetry 
_struct_conn.pdbx_ptnr3_label_atom_id 
_struct_conn.pdbx_ptnr3_label_seq_id 
_struct_conn.pdbx_ptnr3_label_comp_id 
_struct_conn.pdbx_ptnr3_label_asym_id 
_struct_conn.pdbx_ptnr3_label_alt_id 
_struct_conn.pdbx_ptnr3_PDB_ins_code 
_struct_conn.details 
_struct_conn.pdbx_dist_value 
_struct_conn.pdbx_value_order 
_struct_conn.pdbx_role 
covale1  covale both ? A MLU 1 C  ? ? ? 1_555 A OMZ 2 N   ? ? A MLU 1 A OMZ 2 1_555 ? ? ? ? ? ? ? 1.364 ? ? 
covale2  covale both ? A OMZ 2 C  ? ? ? 1_555 A ASN 3 N   ? ? A OMZ 2 A ASN 3 1_555 ? ? ? ? ? ? ? 1.324 ? ? 
covale3  covale none ? A OMZ 2 OH ? ? ? 1_555 A GHP 4 C5  ? ? A OMZ 2 A GHP 4 1_555 ? ? ? ? ? ? ? 1.400 ? ? 
covale4  covale both ? A ASN 3 C  ? ? ? 1_555 A GHP 4 N   ? ? A ASN 3 A GHP 4 1_555 ? ? ? ? ? ? ? 1.337 ? ? 
covale5  covale both ? A GHP 4 C  ? ? ? 1_555 A GHP 5 N   ? ? A GHP 4 A GHP 5 1_555 ? ? ? ? ? ? ? 1.349 ? ? 
covale6  covale none ? A GHP 4 C3 ? ? ? 1_555 A OMY 6 OCZ ? ? A GHP 4 A OMY 6 1_555 ? ? ? ? ? ? ? 1.383 ? ? 
covale7  covale one  ? A GHP 4 O4 ? ? ? 1_555 C BGC . C1  ? ? A GHP 4 C BGC 1 1_555 ? ? ? ? ? ? ? 1.427 ? ? 
covale8  covale both ? A GHP 5 C  ? ? ? 1_555 A OMY 6 N   ? ? A GHP 5 A OMY 6 1_555 ? ? ? ? ? ? ? 1.332 ? ? 
covale9  covale one  ? A GHP 5 C3 ? ? ? 1_555 A 3FG 7 CG1 ? ? A GHP 5 A 3FG 7 1_555 ? ? ? ? ? ? ? 1.470 ? ? 
covale10 covale both ? A OMY 6 C  ? ? ? 1_555 A 3FG 7 N   ? ? A OMY 6 A 3FG 7 1_555 ? ? ? ? ? ? ? 1.326 ? ? 
covale11 covale both ? B MLU 1 C  ? ? ? 1_555 B OMZ 2 N   ? ? B MLU 1 B OMZ 2 1_555 ? ? ? ? ? ? ? 1.340 ? ? 
covale12 covale both ? B OMZ 2 C  ? ? ? 1_555 B ASN 3 N   ? ? B OMZ 2 B ASN 3 1_555 ? ? ? ? ? ? ? 1.321 ? ? 
covale13 covale none ? B OMZ 2 OH ? ? ? 1_555 B GHP 4 C5  ? ? B OMZ 2 B GHP 4 1_555 ? ? ? ? ? ? ? 1.392 ? ? 
covale14 covale both ? B ASN 3 C  ? ? ? 1_555 B GHP 4 N   ? ? B ASN 3 B GHP 4 1_555 ? ? ? ? ? ? ? 1.339 ? ? 
covale15 covale both ? B GHP 4 C  ? ? ? 1_555 B GHP 5 N   ? ? B GHP 4 B GHP 5 1_555 ? ? ? ? ? ? ? 1.338 ? ? 
covale16 covale none ? B GHP 4 C3 ? ? ? 1_555 B OMY 6 OCZ ? ? B GHP 4 B OMY 6 1_555 ? ? ? ? ? ? ? 1.369 ? ? 
covale17 covale one  ? B GHP 4 O4 B ? ? 1_555 D BGC . C1  B ? B GHP 4 D BGC 1 1_555 ? ? ? ? ? ? ? 1.432 ? ? 
covale18 covale one  ? B GHP 4 O4 A ? ? 1_555 D BGC . C1  A ? B GHP 4 D BGC 1 1_555 ? ? ? ? ? ? ? 1.434 ? ? 
covale19 covale both ? B GHP 5 C  ? ? ? 1_555 B OMY 6 N   ? ? B GHP 5 B OMY 6 1_555 ? ? ? ? ? ? ? 1.325 ? ? 
covale20 covale one  ? B GHP 5 C3 ? ? ? 1_555 B 3FG 7 CG1 ? ? B GHP 5 B 3FG 7 1_555 ? ? ? ? ? ? ? 1.482 ? ? 
covale21 covale both ? B OMY 6 C  ? ? ? 1_555 B 3FG 7 N   ? ? B OMY 6 B 3FG 7 1_555 ? ? ? ? ? ? ? 1.326 ? ? 
covale22 covale both ? C BGC . O2 ? ? ? 1_555 C RER . C1  ? ? C BGC 1 C RER 2 1_555 ? ? ? ? ? ? ? 1.425 ? ? 
covale23 covale both ? D BGC . O2 B ? ? 1_555 D RER . C1  ? ? D BGC 1 D RER 2 1_555 ? ? ? ? ? ? ? 1.113 ? ? 
covale24 covale both ? D BGC . O2 A ? ? 1_555 D RER . C1  ? ? D BGC 1 D RER 2 1_555 ? ? ? ? ? ? ? 1.477 ? ? 
# 
_struct_conn_type.id          covale 
_struct_conn_type.criteria    ? 
_struct_conn_type.reference   ? 
# 
loop_
_struct_mon_prot_cis.pdbx_id 
_struct_mon_prot_cis.label_comp_id 
_struct_mon_prot_cis.label_seq_id 
_struct_mon_prot_cis.label_asym_id 
_struct_mon_prot_cis.label_alt_id 
_struct_mon_prot_cis.pdbx_PDB_ins_code 
_struct_mon_prot_cis.auth_comp_id 
_struct_mon_prot_cis.auth_seq_id 
_struct_mon_prot_cis.auth_asym_id 
_struct_mon_prot_cis.pdbx_label_comp_id_2 
_struct_mon_prot_cis.pdbx_label_seq_id_2 
_struct_mon_prot_cis.pdbx_label_asym_id_2 
_struct_mon_prot_cis.pdbx_PDB_ins_code_2 
_struct_mon_prot_cis.pdbx_auth_comp_id_2 
_struct_mon_prot_cis.pdbx_auth_seq_id_2 
_struct_mon_prot_cis.pdbx_auth_asym_id_2 
_struct_mon_prot_cis.pdbx_PDB_model_num 
_struct_mon_prot_cis.pdbx_omega_angle 
1 GHP 5 A . ? GHP 5 A OMY 6 A ? OMY 6 A 1 6.16  
2 GHP 5 B . ? GHP 5 B OMY 6 B ? OMY 6 B 1 19.74 
# 
_atom_sites.entry_id                    1C0R 
_atom_sites.fract_transf_matrix[1][1]   -0.00725685 
_atom_sites.fract_transf_matrix[1][2]   0.02087704 
_atom_sites.fract_transf_matrix[1][3]   0.02734691 
_atom_sites.fract_transf_matrix[2][1]   0.03353781 
_atom_sites.fract_transf_matrix[2][2]   0.01052794 
_atom_sites.fract_transf_matrix[2][3]   0.00086250 
_atom_sites.fract_transf_matrix[3][1]   -0.00330552 
_atom_sites.fract_transf_matrix[3][2]   0.01130923 
_atom_sites.fract_transf_matrix[3][3]   -0.00951079 
_atom_sites.fract_transf_vector[1]      -0.066278 
_atom_sites.fract_transf_vector[2]      0.244411 
_atom_sites.fract_transf_vector[3]      0.015267 
# 
loop_
_atom_type.symbol 
C  
CL 
N  
O  
# 
loop_
_atom_site.group_PDB 
_atom_site.id 
_atom_site.type_symbol 
_atom_site.label_atom_id 
_atom_site.label_alt_id 
_atom_site.label_comp_id 
_atom_site.label_asym_id 
_atom_site.label_entity_id 
_atom_site.label_seq_id 
_atom_site.pdbx_PDB_ins_code 
_atom_site.Cartn_x 
_atom_site.Cartn_y 
_atom_site.Cartn_z 
_atom_site.occupancy 
_atom_site.B_iso_or_equiv 
_atom_site.pdbx_formal_charge 
_atom_site.auth_seq_id 
_atom_site.auth_comp_id 
_atom_site.auth_asym_id 
_atom_site.auth_atom_id 
_atom_site.pdbx_PDB_model_num 
HETATM 1   N  N   . MLU A 1 1 ? 0.388  3.858   12.528  1.00 6.90  ? 1    MLU A N   1 
HETATM 2   C  CN  . MLU A 1 1 ? 1.760  3.978   13.229  1.00 9.50  ? 1    MLU A CN  1 
HETATM 3   C  CA  . MLU A 1 1 ? 0.482  3.699   11.071  1.00 6.10  ? 1    MLU A CA  1 
HETATM 4   C  C   . MLU A 1 1 ? 1.320  2.453   10.761  1.00 5.40  ? 1    MLU A C   1 
HETATM 5   O  O   . MLU A 1 1 ? 1.042  1.389   11.285  1.00 7.61  ? 1    MLU A O   1 
HETATM 6   C  CB  . MLU A 1 1 ? -0.910 3.511   10.450  1.00 6.28  ? 1    MLU A CB  1 
HETATM 7   C  CG  . MLU A 1 1 ? -1.929 4.650   10.646  1.00 6.94  ? 1    MLU A CG  1 
HETATM 8   C  CD1 . MLU A 1 1 ? -1.469 5.956   10.049  1.00 11.62 ? 1    MLU A CD1 1 
HETATM 9   C  CD2 . MLU A 1 1 ? -3.212 4.232   10.001  1.00 10.69 ? 1    MLU A CD2 1 
HETATM 10  N  N   . OMZ A 1 2 ? 2.338  2.597   9.865   1.00 4.64  ? 2    OMZ A N   1 
HETATM 11  C  CA  . OMZ A 1 2 ? 3.209  1.487   9.578   1.00 4.76  ? 2    OMZ A CA  1 
HETATM 12  C  C   . OMZ A 1 2 ? 2.724  0.578   8.436   1.00 4.38  ? 2    OMZ A C   1 
HETATM 13  O  O   . OMZ A 1 2 ? 3.388  -0.432  8.166   1.00 5.33  ? 2    OMZ A O   1 
HETATM 14  C  CB  . OMZ A 1 2 ? 4.692  1.923   9.257   1.00 5.31  ? 2    OMZ A CB  1 
HETATM 15  O  OC  . OMZ A 1 2 ? 5.181  2.767   10.291  1.00 5.68  ? 2    OMZ A OC  1 
HETATM 16  C  CG  . OMZ A 1 2 ? 4.789  2.599   7.927   1.00 4.85  ? 2    OMZ A CG  1 
HETATM 17  C  CD1 . OMZ A 1 2 ? 5.289  1.856   6.838   1.00 5.70  ? 2    OMZ A CD1 1 
HETATM 18  C  CD2 . OMZ A 1 2 ? 4.420  3.933   7.745   1.00 5.36  ? 2    OMZ A CD2 1 
HETATM 19  C  CE1 . OMZ A 1 2 ? 5.312  2.425   5.563   1.00 5.90  ? 2    OMZ A CE1 1 
HETATM 20  CL CL  . OMZ A 1 2 ? 5.973  1.520   4.283   1.00 10.81 ? 2    OMZ A CL  1 
HETATM 21  C  CE2 . OMZ A 1 2 ? 4.444  4.471   6.461   1.00 5.84  ? 2    OMZ A CE2 1 
HETATM 22  C  CZ  . OMZ A 1 2 ? 4.858  3.697   5.386   1.00 5.73  ? 2    OMZ A CZ  1 
HETATM 23  O  OH  . OMZ A 1 2 ? 4.793  4.234   4.083   1.00 6.25  ? 2    OMZ A OH  1 
ATOM   24  N  N   . ASN A 1 3 ? 1.594  0.905   7.829   1.00 4.40  ? 3    ASN A N   1 
ATOM   25  C  CA  . ASN A 1 3 ? 0.909  -0.030  6.917   1.00 4.04  ? 3    ASN A CA  1 
ATOM   26  C  C   . ASN A 1 3 ? 1.154  0.247   5.445   1.00 3.85  ? 3    ASN A C   1 
ATOM   27  O  O   . ASN A 1 3 ? 1.843  -0.548  4.793   1.00 4.64  ? 3    ASN A O   1 
ATOM   28  C  CB  . ASN A 1 3 ? -0.540 -0.223  7.339   1.00 4.52  ? 3    ASN A CB  1 
ATOM   29  C  CG  . ASN A 1 3 ? -1.313 1.082   7.546   1.00 4.87  ? 3    ASN A CG  1 
ATOM   30  O  OD1 . ASN A 1 3 ? -0.865 2.195   7.211   1.00 4.86  ? 3    ASN A OD1 1 
ATOM   31  N  ND2 . ASN A 1 3 ? -2.479 0.932   8.167   1.00 5.76  ? 3    ASN A ND2 1 
HETATM 32  N  N   . GHP A 1 4 ? 0.620  1.365   4.941   1.00 4.04  ? 4    GHP A N   1 
HETATM 33  C  CA  . GHP A 1 4 ? 0.597  1.633   3.511   1.00 3.95  ? 4    GHP A CA  1 
HETATM 34  C  C   . GHP A 1 4 ? -0.815 1.983   3.089   1.00 3.87  ? 4    GHP A C   1 
HETATM 35  O  O   . GHP A 1 4 ? -1.502 2.760   3.746   1.00 4.54  ? 4    GHP A O   1 
HETATM 36  C  C1  . GHP A 1 4 ? 1.605  2.638   3.017   1.00 4.29  ? 4    GHP A C1  1 
HETATM 37  C  C2  . GHP A 1 4 ? 1.499  3.230   1.778   1.00 4.41  ? 4    GHP A C2  1 
HETATM 38  C  C3  . GHP A 1 4 ? 2.436  4.169   1.325   1.00 5.03  ? 4    GHP A C3  1 
HETATM 39  C  C4  . GHP A 1 4 ? 3.536  4.454   2.097   1.00 5.45  ? 4    GHP A C4  1 
HETATM 40  O  O4  . GHP A 1 4 ? 4.480  5.440   1.742   1.00 6.11  ? 4    GHP A O4  1 
HETATM 41  C  C5  . GHP A 1 4 ? 3.674  3.849   3.334   1.00 5.27  ? 4    GHP A C5  1 
HETATM 42  C  C6  . GHP A 1 4 ? 2.711  2.944   3.799   1.00 4.56  ? 4    GHP A C6  1 
HETATM 43  N  N   . GHP A 1 5 ? -1.224 1.465   1.913   1.00 3.99  ? 5    GHP A N   1 
HETATM 44  C  CA  . GHP A 1 5 ? -2.316 1.987   1.194   1.00 4.11  ? 5    GHP A CA  1 
HETATM 45  C  C   . GHP A 1 5 ? -2.086 1.675   -0.327  1.00 4.24  ? 5    GHP A C   1 
HETATM 46  O  O   . GHP A 1 5 ? -1.370 0.689   -0.581  1.00 5.13  ? 5    GHP A O   1 
HETATM 47  C  C1  . GHP A 1 5 ? -3.737 1.474   1.459   1.00 4.29  ? 5    GHP A C1  1 
HETATM 48  C  C2  . GHP A 1 5 ? -4.741 2.382   1.816   1.00 4.23  ? 5    GHP A C2  1 
HETATM 49  C  C3  . GHP A 1 5 ? -6.094 2.035   1.799   1.00 5.03  ? 5    GHP A C3  1 
HETATM 50  C  C4  . GHP A 1 5 ? -6.421 0.711   1.490   1.00 4.93  ? 5    GHP A C4  1 
HETATM 51  O  O4  . GHP A 1 5 ? -7.770 0.381   1.449   1.00 6.53  ? 5    GHP A O4  1 
HETATM 52  C  C5  . GHP A 1 5 ? -5.434 -0.203  1.224   1.00 5.43  ? 5    GHP A C5  1 
HETATM 53  C  C6  . GHP A 1 5 ? -4.095 0.142   1.233   1.00 4.76  ? 5    GHP A C6  1 
HETATM 54  N  N   . OMY A 1 6 ? -2.717 2.406   -1.244  1.00 4.33  ? 6    OMY A N   1 
HETATM 55  C  CA  . OMY A 1 6 ? -3.523 3.557   -1.053  1.00 4.63  ? 6    OMY A CA  1 
HETATM 56  O  OCZ . OMY A 1 6 ? 2.324  4.842   0.122   1.00 5.87  ? 6    OMY A OCZ 1 
HETATM 57  C  CE2 . OMY A 1 6 ? 0.822  4.303   -1.642  1.00 5.07  ? 6    OMY A CE2 1 
HETATM 58  C  CE1 . OMY A 1 6 ? 0.010  5.608   0.221   1.00 5.33  ? 6    OMY A CE1 1 
HETATM 59  C  CZ  . OMY A 1 6 ? 1.042  4.918   -0.440  1.00 5.14  ? 6    OMY A CZ  1 
HETATM 60  C  CG  . OMY A 1 6 ? -1.524 4.901   -1.526  1.00 4.95  ? 6    OMY A CG  1 
HETATM 61  C  CD2 . OMY A 1 6 ? -0.483 4.288   -2.185  1.00 4.86  ? 6    OMY A CD2 1 
HETATM 62  C  CD1 . OMY A 1 6 ? -1.248 5.617   -0.335  1.00 5.25  ? 6    OMY A CD1 1 
HETATM 63  C  CB  . OMY A 1 6 ? -2.968 4.741   -1.931  1.00 5.00  ? 6    OMY A CB  1 
HETATM 64  CL CL  . OMY A 1 6 ? 0.268  6.481   1.700   1.00 7.45  ? 6    OMY A CL  1 
HETATM 65  O  O   . OMY A 1 6 ? -5.349 2.353   -2.082  1.00 6.22  ? 6    OMY A O   1 
HETATM 66  C  C   . OMY A 1 6 ? -5.009 3.249   -1.310  1.00 4.61  ? 6    OMY A C   1 
HETATM 67  O  ODE . OMY A 1 6 ? -3.082 4.404   -3.292  1.00 5.81  ? 6    OMY A ODE 1 
HETATM 68  N  N   . 3FG A 1 7 ? -5.875 3.945   -0.586  1.00 4.87  ? 7    3FG A N   1 
HETATM 69  O  OD1 . 3FG A 1 7 ? -6.964 2.787   4.464   1.00 5.25  ? 7    3FG A OD1 1 
HETATM 70  C  CD1 . 3FG A 1 7 ? -7.501 3.390   3.381   1.00 4.84  ? 7    3FG A CD1 1 
HETATM 71  C  CG1 . 3FG A 1 7 ? -7.113 3.056   2.081   1.00 4.51  ? 7    3FG A CG1 1 
HETATM 72  C  CZ  . 3FG A 1 7 ? -8.473 4.376   3.624   1.00 4.65  ? 7    3FG A CZ  1 
HETATM 73  C  CD2 . 3FG A 1 7 ? -9.054 5.045   2.565   1.00 5.02  ? 7    3FG A CD2 1 
HETATM 74  O  OD2 . 3FG A 1 7 ? -9.983 6.033   2.709   1.00 5.95  ? 7    3FG A OD2 1 
HETATM 75  C  CG2 . 3FG A 1 7 ? -8.679 4.745   1.257   1.00 5.42  ? 7    3FG A CG2 1 
HETATM 76  C  CB  . 3FG A 1 7 ? -7.711 3.768   1.003   1.00 5.19  ? 7    3FG A CB  1 
HETATM 77  C  CA  . 3FG A 1 7 ? -7.259 3.487   -0.423  1.00 5.48  ? 7    3FG A CA  1 
HETATM 78  C  C   . 3FG A 1 7 ? -8.223 4.070   -1.491  1.00 6.57  ? 7    3FG A C   1 
HETATM 79  O  O   . 3FG A 1 7 ? -7.863 5.124   -2.108  1.00 7.98  ? 7    3FG A O   1 
HETATM 80  O  OXT . 3FG A 1 7 ? -9.298 3.440   -1.627  1.00 7.97  ? 7    3FG A OXT 1 
HETATM 81  N  N   . MLU B 1 1 ? 0.191  -3.296  -11.769 1.00 7.12  ? 1    MLU B N   1 
HETATM 82  C  CN  . MLU B 1 1 ? 0.491  -2.289  -12.849 1.00 8.09  ? 1    MLU B CN  1 
HETATM 83  C  CA  . MLU B 1 1 ? 0.365  -2.785  -10.389 1.00 7.47  ? 1    MLU B CA  1 
HETATM 84  C  C   . MLU B 1 1 ? -0.607 -1.601  -10.247 1.00 6.98  ? 1    MLU B C   1 
HETATM 85  O  O   . MLU B 1 1 ? -1.723 -1.657  -10.789 1.00 8.18  ? 1    MLU B O   1 
HETATM 86  C  CB  . MLU B 1 1 ? -0.097 -3.865  -9.414  1.00 10.23 ? 1    MLU B CB  1 
HETATM 87  C  CG  . MLU B 1 1 ? 0.655  -5.177  -9.413  1.00 10.91 ? 1    MLU B CG  1 
HETATM 88  C  CD1 . MLU B 1 1 ? 2.119  -4.991  -9.118  1.00 15.34 ? 1    MLU B CD1 1 
HETATM 89  C  CD2 . MLU B 1 1 ? 0.086  -6.181  -8.520  1.00 12.50 ? 1    MLU B CD2 1 
HETATM 90  N  N   . OMZ B 1 2 ? -0.179 -0.552  -9.532  1.00 6.71  ? 2    OMZ B N   1 
HETATM 91  C  CA  . OMZ B 1 2 ? -0.986 0.648   -9.492  1.00 6.45  ? 2    OMZ B CA  1 
HETATM 92  C  C   . OMZ B 1 2 ? -1.611 0.896   -8.094  1.00 6.00  ? 2    OMZ B C   1 
HETATM 93  O  O   . OMZ B 1 2 ? -2.413 1.821   -7.971  1.00 6.81  ? 2    OMZ B O   1 
HETATM 94  C  CB  . OMZ B 1 2 ? -0.227 1.926   -9.996  1.00 7.21  ? 2    OMZ B CB  1 
HETATM 95  O  OC  . OMZ B 1 2 ? 0.277  1.478   -11.261 1.00 8.97  ? 2    OMZ B OC  1 
HETATM 96  C  CG  . OMZ B 1 2 ? 0.836  2.364   -9.031  1.00 6.36  ? 2    OMZ B CG  1 
HETATM 97  C  CD1 . OMZ B 1 2 ? 0.518  3.308   -8.038  1.00 5.50  ? 2    OMZ B CD1 1 
HETATM 98  C  CD2 . OMZ B 1 2 ? 2.087  1.765   -9.008  1.00 7.14  ? 2    OMZ B CD2 1 
HETATM 99  C  CE1 . OMZ B 1 2 ? 1.432  3.583   -7.037  1.00 5.20  ? 2    OMZ B CE1 1 
HETATM 100 CL CL  . OMZ B 1 2 ? 1.009  4.730   -5.802  1.00 7.60  ? 2    OMZ B CL  1 
HETATM 101 C  CE2 . OMZ B 1 2 ? 3.011  2.046   -7.988  1.00 6.60  ? 2    OMZ B CE2 1 
HETATM 102 C  CZ  . OMZ B 1 2 ? 2.656  2.928   -6.977  1.00 5.49  ? 2    OMZ B CZ  1 
HETATM 103 O  OH  . OMZ B 1 2 ? 3.527  3.113   -5.920  1.00 6.10  ? 2    OMZ B OH  1 
ATOM   104 N  N   . ASN B 1 3 ? -1.293 0.048   -7.132  1.00 5.86  ? 3    ASN B N   1 
ATOM   105 C  CA  . ASN B 1 3 ? -2.059 -0.021  -5.861  1.00 5.86  ? 3    ASN B CA  1 
ATOM   106 C  C   . ASN B 1 3 ? -1.299 0.497   -4.654  1.00 5.24  ? 3    ASN B C   1 
ATOM   107 O  O   . ASN B 1 3 ? -1.759 1.404   -3.958  1.00 6.51  ? 3    ASN B O   1 
ATOM   108 C  CB  . ASN B 1 3 ? -2.549 -1.444  -5.651  1.00 8.50  ? 3    ASN B CB  1 
ATOM   109 C  CG  . ASN B 1 3 ? -3.230 -2.060  -6.856  1.00 11.71 ? 3    ASN B CG  1 
ATOM   110 O  OD1 . ASN B 1 3 ? -3.004 -3.313  -7.154  1.00 16.51 ? 3    ASN B OD1 1 
ATOM   111 N  ND2 . ASN B 1 3 ? -4.026 -1.319  -7.510  1.00 14.31 ? 3    ASN B ND2 1 
HETATM 112 N  N   . GHP B 1 4 ? -0.139 -0.110  -4.373  1.00 4.81  ? 4    GHP B N   1 
HETATM 113 C  CA  . GHP B 1 4 ? 0.628  0.156   -3.161  1.00 4.48  ? 4    GHP B CA  1 
HETATM 114 C  C   . GHP B 1 4 ? 0.968  -1.136  -2.456  1.00 4.76  ? 4    GHP B C   1 
HETATM 115 O  O   . GHP B 1 4 ? 1.513  -2.082  -3.075  1.00 6.10  ? 4    GHP B O   1 
HETATM 116 C  C1  . GHP B 1 4 ? 1.900  0.954   -3.408  1.00 4.90  ? 4    GHP B C1  1 
HETATM 117 C  C2  . GHP B 1 4 ? 2.884  0.980   -2.434  1.00 6.40  ? 4    GHP B C2  1 
HETATM 118 C  C3  . GHP B 1 4 ? 4.079  1.649   -2.655  1.00 7.07  ? 4    GHP B C3  1 
HETATM 119 C  C4  . GHP B 1 4 ? 4.254  2.388   -3.805  1.00 6.99  ? 4    GHP B C4  1 
HETATM 120 O  O4  A GHP B 1 4 ? 5.494  2.949   -4.115  0.65 6.29  ? 4    GHP B O4  1 
HETATM 121 O  O4  B GHP B 1 4 ? 5.336  3.463   -3.720  0.35 5.72  ? 4    GHP B O4  1 
HETATM 122 C  C5  . GHP B 1 4 ? 3.270  2.377   -4.767  1.00 5.70  ? 4    GHP B C5  1 
HETATM 123 C  C6  . GHP B 1 4 ? 2.089  1.643   -4.578  1.00 5.43  ? 4    GHP B C6  1 
HETATM 124 N  N   . GHP B 1 5 ? 0.712  -1.169  -1.144  1.00 4.57  ? 5    GHP B N   1 
HETATM 125 C  CA  . GHP B 1 5 ? 1.282  -2.122  -0.231  1.00 4.74  ? 5    GHP B CA  1 
HETATM 126 C  C   . GHP B 1 5 ? 1.641  -1.318  1.065   1.00 4.49  ? 5    GHP B C   1 
HETATM 127 O  O   . GHP B 1 5 ? 1.059  -0.212  1.209   1.00 5.24  ? 5    GHP B O   1 
HETATM 128 C  C1  . GHP B 1 5 ? 0.375  -3.239  0.254   1.00 4.95  ? 5    GHP B C1  1 
HETATM 129 C  C2  . GHP B 1 5 ? 0.827  -4.573  0.201   1.00 5.76  ? 5    GHP B C2  1 
HETATM 130 C  C3  . GHP B 1 5 ? 0.135  -5.602  0.826   1.00 6.23  ? 5    GHP B C3  1 
HETATM 131 C  C4  . GHP B 1 5 ? -1.094 -5.278  1.467   1.00 6.14  ? 5    GHP B C4  1 
HETATM 132 O  O4  . GHP B 1 5 ? -1.770 -6.332  2.036   1.00 7.54  ? 5    GHP B O4  1 
HETATM 133 C  C5  . GHP B 1 5 ? -1.588 -4.014  1.429   1.00 5.94  ? 5    GHP B C5  1 
HETATM 134 C  C6  . GHP B 1 5 ? -0.832 -2.991  0.859   1.00 5.42  ? 5    GHP B C6  1 
HETATM 135 N  N   . OMY B 1 6 ? 2.405  -1.856  2.005   1.00 4.69  ? 6    OMY B N   1 
HETATM 136 C  CA  . OMY B 1 6 ? 3.299  -2.968  1.865   1.00 4.85  ? 6    OMY B CA  1 
HETATM 137 O  OCZ . OMY B 1 6 ? 5.097  1.665   -1.740  1.00 8.76  ? 6    OMY B OCZ 1 
HETATM 138 C  CE2 . OMY B 1 6 ? 4.838  0.962   0.549   1.00 6.95  ? 6    OMY B CE2 1 
HETATM 139 C  CE1 . OMY B 1 6 ? 5.368  -0.665  -1.152  1.00 7.98  ? 6    OMY B CE1 1 
HETATM 140 C  CZ  . OMY B 1 6 ? 5.099  0.640   -0.773  1.00 6.90  ? 6    OMY B CZ  1 
HETATM 141 C  CG  . OMY B 1 6 ? 5.011  -1.392  1.111   1.00 5.68  ? 6    OMY B CG  1 
HETATM 142 C  CD2 . OMY B 1 6 ? 4.789  -0.064  1.507   1.00 5.91  ? 6    OMY B CD2 1 
HETATM 143 C  CD1 . OMY B 1 6 ? 5.323  -1.678  -0.225  1.00 6.52  ? 6    OMY B CD1 1 
HETATM 144 C  CB  . OMY B 1 6 ? 4.773  -2.539  2.070   1.00 5.51  ? 6    OMY B CB  1 
HETATM 145 CL CL  . OMY B 1 6 ? 5.754  -1.120  -2.804  1.00 11.35 ? 6    OMY B CL  1 
HETATM 146 O  O   . OMY B 1 6 ? 2.345  -3.870  3.884   1.00 4.97  ? 6    OMY B O   1 
HETATM 147 C  C   . OMY B 1 6 ? 2.851  -4.115  2.774   1.00 5.09  ? 6    OMY B C   1 
HETATM 148 O  ODE . OMY B 1 6 ? 4.956  -2.157  3.433   1.00 5.82  ? 6    OMY B ODE 1 
HETATM 149 N  N   . 3FG B 1 7 ? 2.907  -5.338  2.264   1.00 6.01  ? 7    3FG B N   1 
HETATM 150 O  OD1 . 3FG B 1 7 ? -0.728 -7.476  -1.023  1.00 10.08 ? 7    3FG B OD1 1 
HETATM 151 C  CD1 . 3FG B 1 7 ? 0.226  -7.877  -0.185  1.00 8.49  ? 7    3FG B CD1 1 
HETATM 152 C  CG1 . 3FG B 1 7 ? 0.704  -6.970  0.808   1.00 7.43  ? 7    3FG B CG1 1 
HETATM 153 C  CZ  . 3FG B 1 7 ? 0.769  -9.144  -0.273  1.00 9.87  ? 7    3FG B CZ  1 
HETATM 154 C  CD2 . 3FG B 1 7 ? 1.782  -9.566  0.609   1.00 9.60  ? 7    3FG B CD2 1 
HETATM 155 O  OD2 . 3FG B 1 7 ? 2.273  -10.821 0.509   1.00 14.29 ? 7    3FG B OD2 1 
HETATM 156 C  CG2 . 3FG B 1 7 ? 2.220  -8.692  1.582   1.00 9.22  ? 7    3FG B CG2 1 
HETATM 157 C  CB  . 3FG B 1 7 ? 1.692  -7.397  1.707   1.00 7.33  ? 7    3FG B CB  1 
HETATM 158 C  CA  . 3FG B 1 7 ? 2.178  -6.472  2.834   1.00 7.32  ? 7    3FG B CA  1 
HETATM 159 C  C   . 3FG B 1 7 ? 3.117  -7.187  3.905   1.00 9.75  ? 7    3FG B C   1 
HETATM 160 O  O   . 3FG B 1 7 ? 4.342  -7.125  3.759   1.00 14.32 ? 7    3FG B O   1 
HETATM 161 O  OXT . 3FG B 1 7 ? 2.466  -7.844  4.709   1.00 12.56 ? 7    3FG B OXT 1 
HETATM 162 C  C2  . BGC C 2 . ? 6.018  6.304   0.167   1.00 8.61  ? 1    BGC C C2  1 
HETATM 163 C  C3  . BGC C 2 . ? 6.989  5.967   -0.963  1.00 10.31 ? 1    BGC C C3  1 
HETATM 164 C  C4  . BGC C 2 . ? 7.967  4.908   -0.481  1.00 10.15 ? 1    BGC C C4  1 
HETATM 165 C  C5  . BGC C 2 . ? 7.149  3.661   0.121   1.00 10.41 ? 1    BGC C C5  1 
HETATM 166 C  C6  . BGC C 2 . ? 8.027  2.611   0.813   1.00 12.16 ? 1    BGC C C6  1 
HETATM 167 C  C1  . BGC C 2 . ? 5.323  5.112   0.638   1.00 7.01  ? 1    BGC C C1  1 
HETATM 168 O  O2  . BGC C 2 . ? 5.094  7.282   -0.315  1.00 8.99  ? 1    BGC C O2  1 
HETATM 169 O  O3  . BGC C 2 . ? 7.720  7.160   -1.376  1.00 13.64 ? 1    BGC C O3  1 
HETATM 170 O  O4  . BGC C 2 . ? 8.695  4.432   -1.580  1.00 13.83 ? 1    BGC C O4  1 
HETATM 171 O  O5  . BGC C 2 . ? 6.254  4.159   1.127   1.00 8.24  ? 1    BGC C O5  1 
HETATM 172 O  O6  . BGC C 2 . ? 8.868  3.140   1.679   1.00 15.07 ? 1    BGC C O6  1 
HETATM 173 C  C1  . RER C 2 . ? 5.288  8.618   0.139   1.00 9.99  ? 2    RER C C1  1 
HETATM 174 C  C2  . RER C 2 . ? 4.469  9.514   -0.744  1.00 10.14 ? 2    RER C C2  1 
HETATM 175 C  C3  . RER C 2 . ? 2.992  9.491   -0.307  1.00 9.57  ? 2    RER C C3  1 
HETATM 176 N  N3  . RER C 2 . ? 2.340  10.701  -0.979  1.00 11.84 ? 2    RER C N3  1 
HETATM 177 C  C3A . RER C 2 . ? 2.245  8.286   -0.784  1.00 9.33  ? 2    RER C C3A 1 
HETATM 178 C  C4  . RER C 2 . ? 2.909  9.647   1.203   1.00 10.97 ? 2    RER C C4  1 
HETATM 179 O  O4  . RER C 2 . ? 3.548  10.963  1.417   1.00 12.16 ? 2    RER C O4  1 
HETATM 180 C  C5  . RER C 2 . ? 3.695  8.556   1.900   1.00 10.91 ? 2    RER C C5  1 
HETATM 181 O  O5  . RER C 2 . ? 5.067  8.699   1.495   1.00 11.67 ? 2    RER C O5  1 
HETATM 182 C  C5A . RER C 2 . ? 3.705  8.574   3.406   1.00 13.36 ? 2    RER C C5A 1 
HETATM 183 C  C2  A BGC D 2 . ? 7.343  3.591   -5.401  0.65 6.59  ? 1    BGC D C2  1 
HETATM 184 C  C2  B BGC D 2 . ? 7.347  4.137   -4.783  0.35 6.56  ? 1    BGC D C2  1 
HETATM 185 C  C3  A BGC D 2 . ? 8.547  3.133   -6.239  0.65 7.85  ? 1    BGC D C3  1 
HETATM 186 C  C3  B BGC D 2 . ? 8.682  3.669   -5.449  0.35 7.57  ? 1    BGC D C3  1 
HETATM 187 C  C4  A BGC D 2 . ? 9.093  1.779   -5.819  0.65 8.96  ? 1    BGC D C4  1 
HETATM 188 C  C4  B BGC D 2 . ? 9.285  2.536   -4.654  0.35 8.52  ? 1    BGC D C4  1 
HETATM 189 C  C5  A BGC D 2 . ? 7.882  0.741   -5.714  0.65 8.69  ? 1    BGC D C5  1 
HETATM 190 C  C5  B BGC D 2 . ? 8.189  1.367   -4.493  0.35 8.80  ? 1    BGC D C5  1 
HETATM 191 C  C6  A BGC D 2 . ? 8.243  -0.652  -5.353  0.65 9.59  ? 1    BGC D C6  1 
HETATM 192 C  C6  B BGC D 2 . ? 8.697  0.090   -3.830  0.35 9.59  ? 1    BGC D C6  1 
HETATM 193 C  C1  A BGC D 2 . ? 6.342  2.511   -5.184  0.65 6.77  ? 1    BGC D C1  1 
HETATM 194 C  C1  B BGC D 2 . ? 6.465  3.012   -4.476  0.35 6.41  ? 1    BGC D C1  1 
HETATM 195 O  O2  A BGC D 2 . ? 6.725  4.694   -6.069  0.65 6.89  ? 1    BGC D O2  1 
HETATM 196 O  O2  B BGC D 2 . ? 6.723  4.982   -5.765  0.35 7.80  ? 1    BGC D O2  1 
HETATM 197 O  O3  A BGC D 2 . ? 9.622  4.098   -6.038  0.65 8.29  ? 1    BGC D O3  1 
HETATM 198 O  O3  B BGC D 2 . ? 9.571  4.829   -5.463  0.35 6.98  ? 1    BGC D O3  1 
HETATM 199 O  O4  A BGC D 2 . ? 10.035 1.313   -6.738  0.65 10.08 ? 1    BGC D O4  1 
HETATM 200 O  O4  B BGC D 2 . ? 10.427 2.011   -5.345  0.35 9.91  ? 1    BGC D O4  1 
HETATM 201 O  O5  A BGC D 2 . ? 6.978  1.295   -4.721  0.65 7.12  ? 1    BGC D O5  1 
HETATM 202 O  O5  B BGC D 2 . ? 7.077  2.009   -3.713  0.35 7.64  ? 1    BGC D O5  1 
HETATM 203 O  O6  A BGC D 2 . ? 7.321  -1.613  -5.500  0.65 11.76 ? 1    BGC D O6  1 
HETATM 204 O  O6  B BGC D 2 . ? 9.139  -0.818  -4.642  0.35 12.44 ? 1    BGC D O6  1 
HETATM 205 C  C1  . RER D 2 . ? 6.770  6.071   -5.537  1.00 7.05  ? 2    RER D C1  1 
HETATM 206 C  C2  . RER D 2 . ? 6.430  7.025   -6.701  1.00 6.60  ? 2    RER D C2  1 
HETATM 207 C  C3  . RER D 2 . ? 4.903  6.999   -7.043  1.00 5.23  ? 2    RER D C3  1 
HETATM 208 N  N3  . RER D 2 . ? 4.627  8.181   -7.935  1.00 5.46  ? 2    RER D N3  1 
HETATM 209 C  C3A . RER D 2 . ? 4.531  5.757   -7.800  1.00 5.28  ? 2    RER D C3A 1 
HETATM 210 C  C4  . RER D 2 . ? 4.121  7.170   -5.739  1.00 6.14  ? 2    RER D C4  1 
HETATM 211 O  O4  . RER D 2 . ? 4.369  8.509   -5.271  1.00 7.34  ? 2    RER D O4  1 
HETATM 212 C  C5  . RER D 2 . ? 4.539  6.097   -4.717  1.00 6.91  ? 2    RER D C5  1 
HETATM 213 O  O5  . RER D 2 . ? 5.928  6.272   -4.426  1.00 7.95  ? 2    RER D O5  1 
HETATM 214 C  C5A . RER D 2 . ? 3.785  6.245   -3.412  1.00 7.80  ? 2    RER D C5A 1 
HETATM 215 CL CL  . CL  E 3 . ? 1.734  9.669   -4.172  1.00 10.56 ? 20   CL  A CL  1 
HETATM 216 CL CL  . CL  F 3 . ? -4.616 6.078   1.375   1.00 6.48  ? 21   CL  A CL  1 
HETATM 217 CL CL  . CL  G 3 . ? 4.387  -5.310  -0.561  1.00 13.87 ? 22   CL  B CL  1 
HETATM 218 C  C   . LAC H 4 . ? 2.022  -1.695  -7.102  1.00 11.47 ? 23   LAC B C   1 
HETATM 219 C  CA  . LAC H 4 . ? 3.194  -2.255  -6.359  1.00 12.73 ? 23   LAC B CA  1 
HETATM 220 C  CB  . LAC H 4 . ? 4.164  -1.160  -6.005  1.00 13.74 ? 23   LAC B CB  1 
HETATM 221 O  O   . LAC H 4 . ? 0.893  -1.790  -6.537  1.00 10.49 ? 23   LAC B O   1 
HETATM 222 O  OHN . LAC H 4 . ? 2.866  -3.066  -5.285  1.00 14.62 ? 23   LAC B OHN 1 
HETATM 223 O  OXT . LAC H 4 . ? 2.245  -1.286  -8.281  1.00 10.39 ? 23   LAC B OXT 1 
HETATM 224 O  O   . HOH I 5 . ? -0.672 6.231   13.738  1.00 15.99 ? 2001 HOH A O   1 
HETATM 225 O  O   . HOH I 5 . ? -0.824 1.958   14.063  1.00 9.21  ? 2002 HOH A O   1 
HETATM 226 O  O   . HOH I 5 . ? 4.942  6.049   12.448  1.00 24.71 ? 2003 HOH A O   1 
HETATM 227 O  O   A HOH I 5 . ? 5.875  7.804   6.322   0.60 24.94 ? 2004 HOH A O   1 
HETATM 228 O  O   B HOH I 5 . ? 4.507  7.592   8.231   0.40 11.67 ? 2005 HOH A O   1 
HETATM 229 O  O   . HOH I 5 . ? 4.481  1.814   12.765  1.00 14.29 ? 2006 HOH A O   1 
HETATM 230 O  O   . HOH I 5 . ? 3.047  5.958   10.245  1.00 10.01 ? 2007 HOH A O   1 
HETATM 231 O  O   . HOH I 5 . ? 6.775  6.316   3.871   1.00 29.64 ? 2008 HOH A O   1 
HETATM 232 O  O   . HOH I 5 . ? 6.539  4.079   13.288  1.00 22.66 ? 2009 HOH A O   1 
HETATM 233 O  O   . HOH I 5 . ? -1.893 -3.862  -3.044  1.00 32.00 ? 2010 HOH A O   1 
HETATM 234 O  O   . HOH I 5 . ? 3.754  12.033  6.013   1.00 36.49 ? 2011 HOH A O   1 
HETATM 235 O  O   . HOH I 5 . ? -4.075 1.540   4.852   0.50 7.10  ? 2012 HOH A O   1 
HETATM 236 O  O   . HOH I 5 . ? -2.711 -1.386  -2.073  1.00 10.82 ? 2013 HOH A O   1 
HETATM 237 O  O   . HOH I 5 . ? -8.614 -1.976  0.587   1.00 21.41 ? 2014 HOH A O   1 
HETATM 238 O  O   . HOH I 5 . ? -4.969 -0.291  -2.833  1.00 19.31 ? 2015 HOH A O   1 
HETATM 239 O  O   . HOH I 5 . ? -5.637 5.410   -3.803  1.00 13.46 ? 2016 HOH A O   1 
HETATM 240 O  O   . HOH I 5 . ? -5.599 2.849   -5.112  1.00 31.41 ? 2017 HOH A O   1 
HETATM 241 O  O   . HOH I 5 . ? -9.394 8.239   0.584   1.00 16.70 ? 2018 HOH A O   1 
HETATM 242 O  O   . HOH I 5 . ? -6.848 7.367   -0.585  1.00 11.10 ? 2019 HOH A O   1 
HETATM 243 O  O   . HOH I 5 . ? -9.402 6.387   -3.950  1.00 24.16 ? 2020 HOH A O   1 
HETATM 244 O  O   . HOH I 5 . ? 6.687  8.883   -3.299  1.00 16.57 ? 2021 HOH A O   1 
HETATM 245 O  O   . HOH I 5 . ? 8.922  9.366   0.189   1.00 36.42 ? 2022 HOH A O   1 
HETATM 246 O  O   . HOH I 5 . ? 3.398  13.382  -0.612  1.00 21.42 ? 2023 HOH A O   1 
HETATM 247 O  O   . HOH I 5 . ? 2.551  12.065  3.621   1.00 20.33 ? 2024 HOH A O   1 
HETATM 248 O  O   . HOH I 5 . ? 7.554  9.052   3.008   1.00 25.34 ? 2025 HOH A O   1 
HETATM 249 O  O   . HOH J 5 . ? -2.839 3.556   -5.931  1.00 11.68 ? 2001 HOH B O   1 
HETATM 250 O  O   . HOH J 5 . ? 6.448  -10.211 -0.351  1.00 51.10 ? 2002 HOH B O   1 
HETATM 251 O  O   . HOH J 5 . ? -5.758 0.567   -6.593  1.00 32.33 ? 2003 HOH B O   1 
HETATM 252 O  O   . HOH J 5 . ? 6.498  -7.360  0.683   1.00 61.17 ? 2004 HOH B O   1 
HETATM 253 O  O   . HOH J 5 . ? -0.925 -13.605 0.732   1.00 80.53 ? 2005 HOH B O   1 
HETATM 254 O  O   B HOH J 5 . ? 2.674  -4.508  -2.901  0.85 27.24 ? 2006 HOH B O   1 
HETATM 255 O  O   . HOH J 5 . ? -4.205 -5.786  2.994   1.00 8.78  ? 2007 HOH B O   1 
HETATM 256 O  O   . HOH J 5 . ? 7.665  -1.701  3.422   1.00 18.06 ? 2008 HOH B O   1 
HETATM 257 O  O   . HOH J 5 . ? -1.487 -9.168  -2.986  1.00 18.91 ? 2009 HOH B O   1 
HETATM 258 O  O   . HOH J 5 . ? 0.878  -12.396 -1.434  1.00 28.92 ? 2010 HOH B O   1 
HETATM 259 O  O   . HOH J 5 . ? -0.421 -8.474  4.119   1.00 47.70 ? 2011 HOH B O   1 
HETATM 260 O  O   A HOH J 5 . ? 5.556  -9.723  3.286   0.60 29.05 ? 2012 HOH B O   1 
HETATM 261 O  O   B HOH J 5 . ? 4.203  -11.265 2.422   0.40 23.06 ? 2013 HOH B O   1 
HETATM 262 O  O   . HOH J 5 . ? 6.691  -1.341  -8.758  1.00 26.77 ? 2014 HOH B O   1 
HETATM 263 O  O   . HOH J 5 . ? 10.250 5.919   -3.249  1.00 29.38 ? 2015 HOH B O   1 
HETATM 264 O  O   . HOH J 5 . ? 9.414  1.406   -9.620  1.00 40.73 ? 2016 HOH B O   1 
HETATM 265 O  O   A HOH J 5 . ? 8.618  1.621   -1.750  1.00 33.80 ? 2017 HOH B O   1 
HETATM 266 O  O   . HOH J 5 . ? -0.276 -4.323  -5.241  1.00 23.24 ? 2018 HOH B O   1 
HETATM 267 O  O   . HOH J 5 . ? 4.408  -0.975  -9.787  1.00 16.80 ? 2019 HOH B O   1 
HETATM 268 O  O   A HOH J 5 . ? 1.334  -6.192  -4.712  0.15 9.96  ? 2020 HOH B O   1 
# 
loop_
_pdbx_poly_seq_scheme.asym_id 
_pdbx_poly_seq_scheme.entity_id 
_pdbx_poly_seq_scheme.seq_id 
_pdbx_poly_seq_scheme.mon_id 
_pdbx_poly_seq_scheme.ndb_seq_num 
_pdbx_poly_seq_scheme.pdb_seq_num 
_pdbx_poly_seq_scheme.auth_seq_num 
_pdbx_poly_seq_scheme.pdb_mon_id 
_pdbx_poly_seq_scheme.auth_mon_id 
_pdbx_poly_seq_scheme.pdb_strand_id 
_pdbx_poly_seq_scheme.pdb_ins_code 
_pdbx_poly_seq_scheme.hetero 
A 1 1 MLU 1 1 1 MLU MLU A . n 
A 1 2 OMZ 2 2 2 OMZ OMZ A . n 
A 1 3 ASN 3 3 3 ASN ASN A . n 
A 1 4 GHP 4 4 4 GHP GHP A . n 
A 1 5 GHP 5 5 5 GHP GHP A . n 
A 1 6 OMY 6 6 6 OMY OMY A . n 
A 1 7 3FG 7 7 7 3FG 3FG A . n 
B 1 1 MLU 1 1 1 MLU MLU B . n 
B 1 2 OMZ 2 2 2 OMZ OMZ B . n 
B 1 3 ASN 3 3 3 ASN ASN B . n 
B 1 4 GHP 4 4 4 GHP GHP B . n 
B 1 5 GHP 5 5 5 GHP GHP B . n 
B 1 6 OMY 6 6 6 OMY OMY B . n 
B 1 7 3FG 7 7 7 3FG 3FG B . n 
# 
loop_
_pdbx_nonpoly_scheme.asym_id 
_pdbx_nonpoly_scheme.entity_id 
_pdbx_nonpoly_scheme.mon_id 
_pdbx_nonpoly_scheme.ndb_seq_num 
_pdbx_nonpoly_scheme.pdb_seq_num 
_pdbx_nonpoly_scheme.auth_seq_num 
_pdbx_nonpoly_scheme.pdb_mon_id 
_pdbx_nonpoly_scheme.auth_mon_id 
_pdbx_nonpoly_scheme.pdb_strand_id 
_pdbx_nonpoly_scheme.pdb_ins_code 
E 3 CL  1  20   20   CL  CL  A . 
F 3 CL  1  21   21   CL  CL  A . 
G 3 CL  1  22   22   CL  CL  B . 
H 4 LAC 1  23   23   LAC LAC B . 
I 5 HOH 1  2001 2001 HOH HOH A . 
I 5 HOH 2  2002 2002 HOH HOH A . 
I 5 HOH 3  2003 2003 HOH HOH A . 
I 5 HOH 4  2004 2004 HOH HOH A . 
I 5 HOH 5  2005 2005 HOH HOH A . 
I 5 HOH 6  2006 2006 HOH HOH A . 
I 5 HOH 7  2007 2007 HOH HOH A . 
I 5 HOH 8  2008 2008 HOH HOH A . 
I 5 HOH 9  2009 2009 HOH HOH A . 
I 5 HOH 10 2010 2010 HOH HOH A . 
I 5 HOH 11 2011 2011 HOH HOH A . 
I 5 HOH 12 2012 2012 HOH HOH A . 
I 5 HOH 13 2013 2013 HOH HOH A . 
I 5 HOH 14 2014 2014 HOH HOH A . 
I 5 HOH 15 2015 2015 HOH HOH A . 
I 5 HOH 16 2016 2016 HOH HOH A . 
I 5 HOH 17 2017 2017 HOH HOH A . 
I 5 HOH 18 2018 2018 HOH HOH A . 
I 5 HOH 19 2019 2019 HOH HOH A . 
I 5 HOH 20 2020 2020 HOH HOH A . 
I 5 HOH 21 2021 2021 HOH HOH A . 
I 5 HOH 22 2022 2022 HOH HOH A . 
I 5 HOH 23 2023 2023 HOH HOH A . 
I 5 HOH 24 2024 2024 HOH HOH A . 
I 5 HOH 25 2025 2025 HOH HOH A . 
J 5 HOH 1  2001 2001 HOH HOH B . 
J 5 HOH 2  2002 2002 HOH HOH B . 
J 5 HOH 3  2003 2003 HOH HOH B . 
J 5 HOH 4  2004 2004 HOH HOH B . 
J 5 HOH 5  2005 2005 HOH HOH B . 
J 5 HOH 6  2006 2006 HOH HOH B . 
J 5 HOH 7  2007 2007 HOH HOH B . 
J 5 HOH 8  2008 2008 HOH HOH B . 
J 5 HOH 9  2009 2009 HOH HOH B . 
J 5 HOH 10 2010 2010 HOH HOH B . 
J 5 HOH 11 2011 2011 HOH HOH B . 
J 5 HOH 12 2012 2012 HOH HOH B . 
J 5 HOH 13 2013 2013 HOH HOH B . 
J 5 HOH 14 2014 2014 HOH HOH B . 
J 5 HOH 15 2015 2015 HOH HOH B . 
J 5 HOH 16 2016 2016 HOH HOH B . 
J 5 HOH 17 2017 2017 HOH HOH B . 
J 5 HOH 18 2018 2018 HOH HOH B . 
J 5 HOH 19 2019 2019 HOH HOH B . 
J 5 HOH 20 2020 2020 HOH HOH B . 
# 
_pdbx_molecule_features.prd_id    PRD_000204 
_pdbx_molecule_features.name      VANCOMYCIN 
_pdbx_molecule_features.type      Glycopeptide 
_pdbx_molecule_features.class     Antibiotic 
_pdbx_molecule_features.details   
;VANCOMYCIN IS A TRICYCLIC GLYCOPEPTIDE,
 GLYCOSYLATED BY A DISACCHARIDE (RESIDUES 8
 AND 9) ON RESIDUE 4.
;
# 
loop_
_pdbx_molecule.instance_id 
_pdbx_molecule.prd_id 
_pdbx_molecule.asym_id 
1 PRD_000204 A 
1 PRD_000204 C 
2 PRD_000204 B 
2 PRD_000204 D 
# 
_pdbx_struct_assembly.id                   1 
_pdbx_struct_assembly.details              software_defined_assembly 
_pdbx_struct_assembly.method_details       PISA 
_pdbx_struct_assembly.oligomeric_details   tetrameric 
_pdbx_struct_assembly.oligomeric_count     4 
# 
loop_
_pdbx_struct_assembly_gen.assembly_id 
_pdbx_struct_assembly_gen.oper_expression 
_pdbx_struct_assembly_gen.asym_id_list 
1 1,2 A,C,E,F,I 
1 3,4 B,D,G,H,J 
# 
loop_
_pdbx_struct_assembly_prop.biol_id 
_pdbx_struct_assembly_prop.type 
_pdbx_struct_assembly_prop.value 
_pdbx_struct_assembly_prop.details 
1 'ABSA (A^2)' 4170  ? 
1 MORE         -68.4 ? 
1 'SSA (A^2)'  3680  ? 
# 
loop_
_pdbx_struct_oper_list.id 
_pdbx_struct_oper_list.type 
_pdbx_struct_oper_list.name 
_pdbx_struct_oper_list.symmetry_operation 
_pdbx_struct_oper_list.matrix[1][1] 
_pdbx_struct_oper_list.matrix[1][2] 
_pdbx_struct_oper_list.matrix[1][3] 
_pdbx_struct_oper_list.vector[1] 
_pdbx_struct_oper_list.matrix[2][1] 
_pdbx_struct_oper_list.matrix[2][2] 
_pdbx_struct_oper_list.matrix[2][3] 
_pdbx_struct_oper_list.vector[2] 
_pdbx_struct_oper_list.matrix[3][1] 
_pdbx_struct_oper_list.matrix[3][2] 
_pdbx_struct_oper_list.matrix[3][3] 
_pdbx_struct_oper_list.vector[3] 
1 'crystal symmetry operation' 4_455 y-1/2,-x+1/2,z+1/4  0.0476553721  -0.7911508760 -0.6097616394 6.2381293017   0.4650622916  0.5578267473  -0.6874200935 11.8750285202 0.8839943611  -0.2508178850 0.3945178806  -14.3329065371 
2 'crystal symmetry operation' 6_455 x-1/2,-y+1/2,-z+1/4 -0.9148118396 -0.2450754908 -0.3210253915 0.0741423051   -0.2450754908 -0.2949490177 0.9235491761  2.4771020466  -0.3210253915 0.9235491761  0.2097608573  -20.1551127108 
3 'crystal symmetry operation' 8_555 -y,-x,-z+1/2        0.3460449596  -0.3414748497 -0.8738694485 -10.5545964484 -0.3414748497 -0.9133720816 0.2216898005  18.6310450213 -0.8738694485 0.2216898005  -0.4326728781 -23.5378347245 
4 'identity operation'         1_555 x,y,z               1.0000000000  0.0000000000  0.0000000000  0.0000000000   0.0000000000  1.0000000000  0.0000000000  0.0000000000  0.0000000000  0.0000000000  1.0000000000  0.0000000000  
# 
_pdbx_struct_special_symmetry.id              1 
_pdbx_struct_special_symmetry.PDB_model_num   1 
_pdbx_struct_special_symmetry.auth_asym_id    A 
_pdbx_struct_special_symmetry.auth_comp_id    HOH 
_pdbx_struct_special_symmetry.auth_seq_id     2012 
_pdbx_struct_special_symmetry.PDB_ins_code    ? 
_pdbx_struct_special_symmetry.label_asym_id   I 
_pdbx_struct_special_symmetry.label_comp_id   HOH 
_pdbx_struct_special_symmetry.label_seq_id    . 
# 
loop_
_pdbx_audit_revision_history.ordinal 
_pdbx_audit_revision_history.data_content_type 
_pdbx_audit_revision_history.major_revision 
_pdbx_audit_revision_history.minor_revision 
_pdbx_audit_revision_history.revision_date 
1 'Structure model' 1 0 1999-07-30 
2 'Structure model' 1 1 2011-06-14 
3 'Structure model' 1 2 2011-07-13 
4 'Structure model' 1 3 2011-07-27 
5 'Structure model' 1 4 2012-12-12 
6 'Structure model' 2 0 2020-07-29 
7 'Structure model' 3 0 2023-11-15 
# 
loop_
_pdbx_audit_revision_details.ordinal 
_pdbx_audit_revision_details.revision_ordinal 
_pdbx_audit_revision_details.data_content_type 
_pdbx_audit_revision_details.provider 
_pdbx_audit_revision_details.type 
_pdbx_audit_revision_details.description 
_pdbx_audit_revision_details.details 
1 1 'Structure model' repository 'Initial release' ?                          ? 
2 6 'Structure model' repository Remediation       'Carbohydrate remediation' ? 
# 
loop_
_pdbx_audit_revision_group.ordinal 
_pdbx_audit_revision_group.revision_ordinal 
_pdbx_audit_revision_group.data_content_type 
_pdbx_audit_revision_group.group 
1  2 'Structure model' 'Version format compliance' 
2  3 'Structure model' 'Version format compliance' 
3  4 'Structure model' 'Atomic model'              
4  4 'Structure model' 'Database references'       
5  4 'Structure model' 'Derived calculations'      
6  4 'Structure model' 'Non-polymer description'   
7  4 'Structure model' 'Structure summary'         
8  5 'Structure model' Other                       
9  6 'Structure model' Advisory                    
10 6 'Structure model' 'Atomic model'              
11 6 'Structure model' 'Data collection'           
12 6 'Structure model' 'Derived calculations'      
13 6 'Structure model' 'Polymer sequence'          
14 6 'Structure model' 'Refinement description'    
15 6 'Structure model' 'Structure summary'         
16 7 'Structure model' 'Atomic model'              
17 7 'Structure model' 'Data collection'           
18 7 'Structure model' 'Database references'       
19 7 'Structure model' 'Derived calculations'      
20 7 'Structure model' 'Structure summary'         
# 
loop_
_pdbx_audit_revision_category.ordinal 
_pdbx_audit_revision_category.revision_ordinal 
_pdbx_audit_revision_category.data_content_type 
_pdbx_audit_revision_category.category 
1  6 'Structure model' atom_site                     
2  6 'Structure model' chem_comp                     
3  6 'Structure model' entity                        
4  6 'Structure model' entity_poly                   
5  6 'Structure model' pdbx_branch_scheme            
6  6 'Structure model' pdbx_chem_comp_identifier     
7  6 'Structure model' pdbx_entity_branch            
8  6 'Structure model' pdbx_entity_branch_descriptor 
9  6 'Structure model' pdbx_entity_branch_link       
10 6 'Structure model' pdbx_entity_branch_list       
11 6 'Structure model' pdbx_entity_nonpoly           
12 6 'Structure model' pdbx_molecule                 
13 6 'Structure model' pdbx_nonpoly_scheme           
14 6 'Structure model' pdbx_struct_assembly          
15 6 'Structure model' pdbx_struct_assembly_gen      
16 6 'Structure model' pdbx_struct_special_symmetry  
17 6 'Structure model' pdbx_validate_close_contact   
18 6 'Structure model' software                      
19 6 'Structure model' struct_asym                   
20 6 'Structure model' struct_conn                   
21 6 'Structure model' struct_site                   
22 6 'Structure model' struct_site_gen               
23 7 'Structure model' atom_site                     
24 7 'Structure model' chem_comp                     
25 7 'Structure model' chem_comp_atom                
26 7 'Structure model' chem_comp_bond                
27 7 'Structure model' database_2                    
28 7 'Structure model' struct_conn                   
# 
loop_
_pdbx_audit_revision_item.ordinal 
_pdbx_audit_revision_item.revision_ordinal 
_pdbx_audit_revision_item.data_content_type 
_pdbx_audit_revision_item.item 
1  6 'Structure model' '_atom_site.B_iso_or_equiv'                   
2  6 'Structure model' '_atom_site.Cartn_x'                          
3  6 'Structure model' '_atom_site.Cartn_y'                          
4  6 'Structure model' '_atom_site.Cartn_z'                          
5  6 'Structure model' '_atom_site.auth_asym_id'                     
6  6 'Structure model' '_atom_site.auth_atom_id'                     
7  6 'Structure model' '_atom_site.auth_comp_id'                     
8  6 'Structure model' '_atom_site.auth_seq_id'                      
9  6 'Structure model' '_atom_site.label_alt_id'                     
10 6 'Structure model' '_atom_site.label_asym_id'                    
11 6 'Structure model' '_atom_site.label_atom_id'                    
12 6 'Structure model' '_atom_site.label_comp_id'                    
13 6 'Structure model' '_atom_site.label_entity_id'                  
14 6 'Structure model' '_atom_site.occupancy'                        
15 6 'Structure model' '_atom_site.type_symbol'                      
16 6 'Structure model' '_chem_comp.name'                             
17 6 'Structure model' '_chem_comp.type'                             
18 6 'Structure model' '_entity_poly.pdbx_seq_one_letter_code_can'   
19 6 'Structure model' '_pdbx_struct_assembly.method_details'        
20 6 'Structure model' '_pdbx_struct_assembly_gen.asym_id_list'      
21 6 'Structure model' '_pdbx_struct_special_symmetry.label_asym_id' 
22 6 'Structure model' '_pdbx_validate_close_contact.auth_asym_id_1' 
23 6 'Structure model' '_pdbx_validate_close_contact.auth_asym_id_2' 
24 6 'Structure model' '_pdbx_validate_close_contact.auth_seq_id_1'  
25 6 'Structure model' '_pdbx_validate_close_contact.auth_seq_id_2'  
26 6 'Structure model' '_struct_conn.pdbx_dist_value'                
27 6 'Structure model' '_struct_conn.pdbx_leaving_atom_flag'         
28 6 'Structure model' '_struct_conn.pdbx_ptnr1_label_alt_id'        
29 6 'Structure model' '_struct_conn.pdbx_ptnr2_label_alt_id'        
30 6 'Structure model' '_struct_conn.ptnr1_auth_asym_id'             
31 6 'Structure model' '_struct_conn.ptnr1_auth_comp_id'             
32 6 'Structure model' '_struct_conn.ptnr1_auth_seq_id'              
33 6 'Structure model' '_struct_conn.ptnr1_label_asym_id'            
34 6 'Structure model' '_struct_conn.ptnr1_label_atom_id'            
35 6 'Structure model' '_struct_conn.ptnr1_label_comp_id'            
36 6 'Structure model' '_struct_conn.ptnr1_label_seq_id'             
37 6 'Structure model' '_struct_conn.ptnr2_auth_asym_id'             
38 6 'Structure model' '_struct_conn.ptnr2_auth_comp_id'             
39 6 'Structure model' '_struct_conn.ptnr2_auth_seq_id'              
40 6 'Structure model' '_struct_conn.ptnr2_label_asym_id'            
41 6 'Structure model' '_struct_conn.ptnr2_label_atom_id'            
42 6 'Structure model' '_struct_conn.ptnr2_label_comp_id'            
43 6 'Structure model' '_struct_conn.ptnr2_label_seq_id'             
44 7 'Structure model' '_atom_site.auth_atom_id'                     
45 7 'Structure model' '_atom_site.label_atom_id'                    
46 7 'Structure model' '_chem_comp.pdbx_synonyms'                    
47 7 'Structure model' '_database_2.pdbx_DOI'                        
48 7 'Structure model' '_database_2.pdbx_database_accession'         
49 7 'Structure model' '_struct_conn.pdbx_leaving_atom_flag'         
# 
loop_
_software.name 
_software.classification 
_software.version 
_software.citation_id 
_software.pdbx_ordinal 
SHELXL    refinement       . ? 1 
DENZO     'data reduction' . ? 2 
SCALEPACK 'data scaling'   . ? 3 
# 
_pdbx_entry_details.entry_id                 1C0R 
_pdbx_entry_details.compound_details         
;VANCOMYCIN IS A TRICYCLIC GLYCOPEPTIDE. THE SCAFFOLD IS
 A HEPTAPEPTIDE WITH THE CONFIGURATION D-D-L-D-D-L-L. IT IS
 FURTHER GLYCOSYLATED BY A DISACCHARIDE MADE OF D-GLUCOSE
 AND VANCOSAMINE.
 HERE, VANCOMYCIN IS REPRESENTED BY GROUPING TOUGHER THE
 SEQUENCE (SEQRES) AND THE TWO LIGANDS (HET) BGC AND RER.
;
_pdbx_entry_details.source_details           ? 
_pdbx_entry_details.nonpolymer_details       ? 
_pdbx_entry_details.sequence_details         ? 
_pdbx_entry_details.has_ligand_of_interest   ? 
# 
loop_
_pdbx_validate_close_contact.id 
_pdbx_validate_close_contact.PDB_model_num 
_pdbx_validate_close_contact.auth_atom_id_1 
_pdbx_validate_close_contact.auth_asym_id_1 
_pdbx_validate_close_contact.auth_comp_id_1 
_pdbx_validate_close_contact.auth_seq_id_1 
_pdbx_validate_close_contact.PDB_ins_code_1 
_pdbx_validate_close_contact.label_alt_id_1 
_pdbx_validate_close_contact.auth_atom_id_2 
_pdbx_validate_close_contact.auth_asym_id_2 
_pdbx_validate_close_contact.auth_comp_id_2 
_pdbx_validate_close_contact.auth_seq_id_2 
_pdbx_validate_close_contact.PDB_ins_code_2 
_pdbx_validate_close_contact.label_alt_id_2 
_pdbx_validate_close_contact.dist 
1 1 O2 D BGC 1 ? B O5 D RER 2 ? ? 2.02 
2 1 C2 D BGC 1 ? B C1 D RER 2 ? ? 2.15 
# 
_pdbx_validate_torsion.id              1 
_pdbx_validate_torsion.PDB_model_num   1 
_pdbx_validate_torsion.auth_comp_id    ASN 
_pdbx_validate_torsion.auth_asym_id    A 
_pdbx_validate_torsion.auth_seq_id     3 
_pdbx_validate_torsion.PDB_ins_code    ? 
_pdbx_validate_torsion.label_alt_id    ? 
_pdbx_validate_torsion.phi             -100.24 
_pdbx_validate_torsion.psi             -68.57 
# 
loop_
_chem_comp_atom.comp_id 
_chem_comp_atom.atom_id 
_chem_comp_atom.type_symbol 
_chem_comp_atom.pdbx_aromatic_flag 
_chem_comp_atom.pdbx_stereo_config 
_chem_comp_atom.pdbx_ordinal 
3FG N    N  N N 1   
3FG OD1  O  N N 2   
3FG CD1  C  Y N 3   
3FG CG1  C  Y N 4   
3FG CZ   C  Y N 5   
3FG CD2  C  Y N 6   
3FG OD2  O  N N 7   
3FG CG2  C  Y N 8   
3FG CB   C  Y N 9   
3FG CA   C  N S 10  
3FG C    C  N N 11  
3FG O    O  N N 12  
3FG OXT  O  N N 13  
3FG H    H  N N 14  
3FG H2   H  N N 15  
3FG HA   H  N N 16  
3FG HD1  H  N N 17  
3FG HG1  H  N N 18  
3FG HZ   H  N N 19  
3FG HD2  H  N N 20  
3FG HG2  H  N N 21  
3FG HXT  H  N N 22  
ASN N    N  N N 23  
ASN CA   C  N S 24  
ASN C    C  N N 25  
ASN O    O  N N 26  
ASN CB   C  N N 27  
ASN CG   C  N N 28  
ASN OD1  O  N N 29  
ASN ND2  N  N N 30  
ASN OXT  O  N N 31  
ASN H    H  N N 32  
ASN H2   H  N N 33  
ASN HA   H  N N 34  
ASN HB2  H  N N 35  
ASN HB3  H  N N 36  
ASN HD21 H  N N 37  
ASN HD22 H  N N 38  
ASN HXT  H  N N 39  
BGC C2   C  N R 40  
BGC C3   C  N S 41  
BGC C4   C  N S 42  
BGC C5   C  N R 43  
BGC C6   C  N N 44  
BGC C1   C  N R 45  
BGC O1   O  N N 46  
BGC O2   O  N N 47  
BGC O3   O  N N 48  
BGC O4   O  N N 49  
BGC O5   O  N N 50  
BGC O6   O  N N 51  
BGC H2   H  N N 52  
BGC H3   H  N N 53  
BGC H4   H  N N 54  
BGC H5   H  N N 55  
BGC H61  H  N N 56  
BGC H62  H  N N 57  
BGC H1   H  N N 58  
BGC HO1  H  N N 59  
BGC HO2  H  N N 60  
BGC HO3  H  N N 61  
BGC HO4  H  N N 62  
BGC HO6  H  N N 63  
CL  CL   CL N N 64  
GHP N    N  N N 65  
GHP CA   C  N R 66  
GHP C    C  N N 67  
GHP O    O  N N 68  
GHP OXT  O  N N 69  
GHP C1   C  Y N 70  
GHP C2   C  Y N 71  
GHP C3   C  Y N 72  
GHP C4   C  Y N 73  
GHP O4   O  N N 74  
GHP C5   C  Y N 75  
GHP C6   C  Y N 76  
GHP H    H  N N 77  
GHP H2   H  N N 78  
GHP HA   H  N N 79  
GHP HXT  H  N N 80  
GHP HC2  H  N N 81  
GHP H3   H  N N 82  
GHP HO4  H  N N 83  
GHP H5   H  N N 84  
GHP H6   H  N N 85  
HOH O    O  N N 86  
HOH H1   H  N N 87  
HOH H2   H  N N 88  
LAC C    C  N N 89  
LAC CA   C  N R 90  
LAC CB   C  N N 91  
LAC O    O  N N 92  
LAC OHN  O  N N 93  
LAC OXT  O  N N 94  
LAC HA   H  N N 95  
LAC HB1  H  N N 96  
LAC HB2  H  N N 97  
LAC HB3  H  N N 98  
LAC H    H  N N 99  
LAC HXT  H  N N 100 
MLU N    N  N N 101 
MLU CN   C  N N 102 
MLU CA   C  N R 103 
MLU C    C  N N 104 
MLU O    O  N N 105 
MLU CB   C  N N 106 
MLU CG   C  N N 107 
MLU CD1  C  N N 108 
MLU CD2  C  N N 109 
MLU OXT  O  N N 110 
MLU H    H  N N 111 
MLU HCN1 H  N N 112 
MLU HCN2 H  N N 113 
MLU HCN3 H  N N 114 
MLU HA   H  N N 115 
MLU HB2  H  N N 116 
MLU HB3  H  N N 117 
MLU HXT  H  N N 118 
MLU HG   H  N N 119 
MLU HD11 H  N N 120 
MLU HD12 H  N N 121 
MLU HD13 H  N N 122 
MLU HD21 H  N N 123 
MLU HD22 H  N N 124 
MLU HD23 H  N N 125 
OMY N    N  N N 126 
OMY CA   C  N S 127 
OMY OCZ  O  N N 128 
OMY CE2  C  Y N 129 
OMY CE1  C  Y N 130 
OMY CZ   C  Y N 131 
OMY CG   C  Y N 132 
OMY CD2  C  Y N 133 
OMY CD1  C  Y N 134 
OMY CB   C  N R 135 
OMY CL   CL N N 136 
OMY O    O  N N 137 
OMY C    C  N N 138 
OMY ODE  O  N N 139 
OMY OXT  O  N N 140 
OMY H    H  N N 141 
OMY H2   H  N N 142 
OMY HA   H  N N 143 
OMY HCZ  H  N N 144 
OMY HE2  H  N N 145 
OMY HD2  H  N N 146 
OMY HD1  H  N N 147 
OMY HB   H  N N 148 
OMY HXT  H  N N 149 
OMY HDE  H  N N 150 
OMZ N    N  N N 151 
OMZ CA   C  N R 152 
OMZ C    C  N N 153 
OMZ O    O  N N 154 
OMZ OXT  O  N N 155 
OMZ CB   C  N R 156 
OMZ OC   O  N N 157 
OMZ CG   C  Y N 158 
OMZ CD1  C  Y N 159 
OMZ CD2  C  Y N 160 
OMZ CE1  C  Y N 161 
OMZ CL   CL N N 162 
OMZ CE2  C  Y N 163 
OMZ CZ   C  Y N 164 
OMZ OH   O  N N 165 
OMZ H    H  N N 166 
OMZ H2   H  N N 167 
OMZ HA   H  N N 168 
OMZ HB   H  N N 169 
OMZ HXT  H  N N 170 
OMZ HC   H  N N 171 
OMZ HD1  H  N N 172 
OMZ HD2  H  N N 173 
OMZ HE2  H  N N 174 
OMZ HH   H  N N 175 
RER C1   C  N R 176 
RER C2   C  N N 177 
RER C3   C  N S 178 
RER N3   N  N N 179 
RER C3A  C  N N 180 
RER C4   C  N S 181 
RER O4   O  N N 182 
RER C5   C  N S 183 
RER O5   O  N N 184 
RER C5A  C  N N 185 
RER O1   O  N N 186 
RER H1   H  N N 187 
RER H21C H  N N 188 
RER H22C H  N N 189 
RER HO1  H  N N 190 
RER H31N H  N N 191 
RER H32N H  N N 192 
RER H3A1 H  N N 193 
RER H3A2 H  N N 194 
RER H3A3 H  N N 195 
RER H4   H  N N 196 
RER HO4  H  N N 197 
RER H5   H  N N 198 
RER H5A1 H  N N 199 
RER H5A2 H  N N 200 
RER H5A3 H  N N 201 
# 
loop_
_chem_comp_bond.comp_id 
_chem_comp_bond.atom_id_1 
_chem_comp_bond.atom_id_2 
_chem_comp_bond.value_order 
_chem_comp_bond.pdbx_aromatic_flag 
_chem_comp_bond.pdbx_stereo_config 
_chem_comp_bond.pdbx_ordinal 
3FG N   CA   sing N N 1   
3FG OD1 CD1  sing N N 2   
3FG CD1 CG1  sing Y N 3   
3FG CD1 CZ   doub Y N 4   
3FG CG1 CB   doub Y N 5   
3FG CZ  CD2  sing Y N 6   
3FG CD2 OD2  sing N N 7   
3FG CD2 CG2  doub Y N 8   
3FG CG2 CB   sing Y N 9   
3FG CB  CA   sing N N 10  
3FG CA  C    sing N N 11  
3FG C   O    doub N N 12  
3FG C   OXT  sing N N 13  
3FG N   H    sing N N 14  
3FG N   H2   sing N N 15  
3FG CA  HA   sing N N 16  
3FG OD1 HD1  sing N N 17  
3FG CG1 HG1  sing N N 18  
3FG CZ  HZ   sing N N 19  
3FG OD2 HD2  sing N N 20  
3FG CG2 HG2  sing N N 21  
3FG OXT HXT  sing N N 22  
ASN N   CA   sing N N 23  
ASN N   H    sing N N 24  
ASN N   H2   sing N N 25  
ASN CA  C    sing N N 26  
ASN CA  CB   sing N N 27  
ASN CA  HA   sing N N 28  
ASN C   O    doub N N 29  
ASN C   OXT  sing N N 30  
ASN CB  CG   sing N N 31  
ASN CB  HB2  sing N N 32  
ASN CB  HB3  sing N N 33  
ASN CG  OD1  doub N N 34  
ASN CG  ND2  sing N N 35  
ASN ND2 HD21 sing N N 36  
ASN ND2 HD22 sing N N 37  
ASN OXT HXT  sing N N 38  
BGC C2  C3   sing N N 39  
BGC C2  C1   sing N N 40  
BGC C2  O2   sing N N 41  
BGC C2  H2   sing N N 42  
BGC C3  C4   sing N N 43  
BGC C3  O3   sing N N 44  
BGC C3  H3   sing N N 45  
BGC C4  C5   sing N N 46  
BGC C4  O4   sing N N 47  
BGC C4  H4   sing N N 48  
BGC C5  C6   sing N N 49  
BGC C5  O5   sing N N 50  
BGC C5  H5   sing N N 51  
BGC C6  O6   sing N N 52  
BGC C6  H61  sing N N 53  
BGC C6  H62  sing N N 54  
BGC C1  O1   sing N N 55  
BGC C1  O5   sing N N 56  
BGC C1  H1   sing N N 57  
BGC O1  HO1  sing N N 58  
BGC O2  HO2  sing N N 59  
BGC O3  HO3  sing N N 60  
BGC O4  HO4  sing N N 61  
BGC O6  HO6  sing N N 62  
GHP N   CA   sing N N 63  
GHP N   H    sing N N 64  
GHP N   H2   sing N N 65  
GHP CA  C    sing N N 66  
GHP CA  C1   sing N N 67  
GHP CA  HA   sing N N 68  
GHP C   O    doub N N 69  
GHP C   OXT  sing N N 70  
GHP OXT HXT  sing N N 71  
GHP C1  C2   doub Y N 72  
GHP C1  C6   sing Y N 73  
GHP C2  C3   sing Y N 74  
GHP C2  HC2  sing N N 75  
GHP C3  C4   doub Y N 76  
GHP C3  H3   sing N N 77  
GHP C4  O4   sing N N 78  
GHP C4  C5   sing Y N 79  
GHP O4  HO4  sing N N 80  
GHP C5  C6   doub Y N 81  
GHP C5  H5   sing N N 82  
GHP C6  H6   sing N N 83  
HOH O   H1   sing N N 84  
HOH O   H2   sing N N 85  
LAC C   CA   sing N N 86  
LAC C   O    doub N N 87  
LAC C   OXT  sing N N 88  
LAC CA  CB   sing N N 89  
LAC CA  OHN  sing N N 90  
LAC CA  HA   sing N N 91  
LAC CB  HB1  sing N N 92  
LAC CB  HB2  sing N N 93  
LAC CB  HB3  sing N N 94  
LAC OHN H    sing N N 95  
LAC OXT HXT  sing N N 96  
MLU N   CN   sing N N 97  
MLU N   CA   sing N N 98  
MLU CA  C    sing N N 99  
MLU CA  CB   sing N N 100 
MLU C   O    doub N N 101 
MLU C   OXT  sing N N 102 
MLU CB  CG   sing N N 103 
MLU CG  CD1  sing N N 104 
MLU CG  CD2  sing N N 105 
MLU N   H    sing N N 106 
MLU CN  HCN1 sing N N 107 
MLU CN  HCN2 sing N N 108 
MLU CN  HCN3 sing N N 109 
MLU CA  HA   sing N N 110 
MLU CB  HB2  sing N N 111 
MLU CB  HB3  sing N N 112 
MLU OXT HXT  sing N N 113 
MLU CG  HG   sing N N 114 
MLU CD1 HD11 sing N N 115 
MLU CD1 HD12 sing N N 116 
MLU CD1 HD13 sing N N 117 
MLU CD2 HD21 sing N N 118 
MLU CD2 HD22 sing N N 119 
MLU CD2 HD23 sing N N 120 
OMY N   CA   sing N N 121 
OMY OCZ CZ   sing N N 122 
OMY CZ  CE2  sing Y N 123 
OMY CZ  CE1  doub Y N 124 
OMY CE2 CD2  doub Y N 125 
OMY CD2 CG   sing Y N 126 
OMY CG  CD1  doub Y N 127 
OMY CG  CB   sing N N 128 
OMY CD1 CE1  sing Y N 129 
OMY CE1 CL   sing N N 130 
OMY C   O    doub N N 131 
OMY C   CA   sing N N 132 
OMY C   OXT  sing N N 133 
OMY CA  CB   sing N N 134 
OMY CB  ODE  sing N N 135 
OMY N   H    sing N N 136 
OMY N   H2   sing N N 137 
OMY CA  HA   sing N N 138 
OMY OCZ HCZ  sing N N 139 
OMY CE2 HE2  sing N N 140 
OMY CD2 HD2  sing N N 141 
OMY CD1 HD1  sing N N 142 
OMY CB  HB   sing N N 143 
OMY OXT HXT  sing N N 144 
OMY ODE HDE  sing N N 145 
OMZ N   CA   sing N N 146 
OMZ CA  C    sing N N 147 
OMZ CA  CB   sing N N 148 
OMZ C   O    doub N N 149 
OMZ C   OXT  sing N N 150 
OMZ CL  CE1  sing N N 151 
OMZ CB  OC   sing N N 152 
OMZ CB  CG   sing N N 153 
OMZ CG  CD1  doub Y N 154 
OMZ CG  CD2  sing Y N 155 
OMZ CD1 CE1  sing Y N 156 
OMZ CD2 CE2  doub Y N 157 
OMZ CE1 CZ   doub Y N 158 
OMZ CE2 CZ   sing Y N 159 
OMZ CZ  OH   sing N N 160 
OMZ N   H    sing N N 161 
OMZ N   H2   sing N N 162 
OMZ CA  HA   sing N N 163 
OMZ CB  HB   sing N N 164 
OMZ OXT HXT  sing N N 165 
OMZ OC  HC   sing N N 166 
OMZ CD1 HD1  sing N N 167 
OMZ CD2 HD2  sing N N 168 
OMZ CE2 HE2  sing N N 169 
OMZ OH  HH   sing N N 170 
RER C1  C2   sing N N 171 
RER C1  O5   sing N N 172 
RER C1  O1   sing N N 173 
RER C2  C3   sing N N 174 
RER C3  N3   sing N N 175 
RER C3  C3A  sing N N 176 
RER C3  C4   sing N N 177 
RER C4  O4   sing N N 178 
RER C4  C5   sing N N 179 
RER C5  O5   sing N N 180 
RER C5  C5A  sing N N 181 
RER C1  H1   sing N N 182 
RER C2  H21C sing N N 183 
RER C2  H22C sing N N 184 
RER O1  HO1  sing N N 185 
RER N3  H31N sing N N 186 
RER N3  H32N sing N N 187 
RER C3A H3A1 sing N N 188 
RER C3A H3A2 sing N N 189 
RER C3A H3A3 sing N N 190 
RER C4  H4   sing N N 191 
RER O4  HO4  sing N N 192 
RER C5  H5   sing N N 193 
RER C5A H5A1 sing N N 194 
RER C5A H5A2 sing N N 195 
RER C5A H5A3 sing N N 196 
# 
loop_
_pdbx_branch_scheme.asym_id 
_pdbx_branch_scheme.entity_id 
_pdbx_branch_scheme.mon_id 
_pdbx_branch_scheme.num 
_pdbx_branch_scheme.pdb_asym_id 
_pdbx_branch_scheme.pdb_mon_id 
_pdbx_branch_scheme.pdb_seq_num 
_pdbx_branch_scheme.auth_asym_id 
_pdbx_branch_scheme.auth_mon_id 
_pdbx_branch_scheme.auth_seq_num 
_pdbx_branch_scheme.hetero 
C 2 BGC 1 C BGC 1 A BGC 8 n 
C 2 RER 2 C RER 2 A RER 9 n 
D 2 BGC 1 D BGC 1 B BGC 8 n 
D 2 RER 2 D RER 2 B RER 9 n 
# 
loop_
_pdbx_chem_comp_identifier.comp_id 
_pdbx_chem_comp_identifier.type 
_pdbx_chem_comp_identifier.program 
_pdbx_chem_comp_identifier.program_version 
_pdbx_chem_comp_identifier.identifier 
BGC 'CONDENSED IUPAC CARBOHYDRATE SYMBOL' GMML     1.0 DGlcpb            
BGC 'COMMON NAME'                         GMML     1.0 b-D-glucopyranose 
BGC 'IUPAC CARBOHYDRATE SYMBOL'           PDB-CARE 1.0 b-D-Glcp          
BGC 'SNFG CARBOHYDRATE SYMBOL'            GMML     1.0 Glc               
# 
_pdbx_entity_branch.entity_id   2 
_pdbx_entity_branch.type        oligosaccharide 
# 
loop_
_pdbx_entity_branch_descriptor.ordinal 
_pdbx_entity_branch_descriptor.entity_id 
_pdbx_entity_branch_descriptor.descriptor 
_pdbx_entity_branch_descriptor.type 
_pdbx_entity_branch_descriptor.program 
_pdbx_entity_branch_descriptor.program_version 
1 2 'WURCS=2.0/2,2,1/[a2122h-1b_1-5][ad621m-1a_1-5_3*C_3*N]/1-2/a2-b1' WURCS  PDB2Glycan 1.1.0 
2 2 '[][D-1-deoxy-Glcp]{[(2+1)][a-L-2-deoxy-Fucp3N]{}}'                LINUCS PDB-CARE   ?     
# 
_pdbx_entity_branch_link.link_id                    1 
_pdbx_entity_branch_link.entity_id                  2 
_pdbx_entity_branch_link.entity_branch_list_num_1   2 
_pdbx_entity_branch_link.comp_id_1                  RER 
_pdbx_entity_branch_link.atom_id_1                  C1 
_pdbx_entity_branch_link.leaving_atom_id_1          O1 
_pdbx_entity_branch_link.entity_branch_list_num_2   1 
_pdbx_entity_branch_link.comp_id_2                  BGC 
_pdbx_entity_branch_link.atom_id_2                  O2 
_pdbx_entity_branch_link.leaving_atom_id_2          HO2 
_pdbx_entity_branch_link.value_order                sing 
_pdbx_entity_branch_link.details                    ? 
# 
loop_
_pdbx_entity_branch_list.entity_id 
_pdbx_entity_branch_list.comp_id 
_pdbx_entity_branch_list.num 
_pdbx_entity_branch_list.hetero 
2 BGC 1 n 
2 RER 2 n 
# 
loop_
_pdbx_entity_nonpoly.entity_id 
_pdbx_entity_nonpoly.name 
_pdbx_entity_nonpoly.comp_id 
3 'CHLORIDE ION' CL  
4 'LACTIC ACID'  LAC 
5 water          HOH 
# 
